data_4ZT3
#
_entry.id   4ZT3
#
_cell.length_a   86.696
_cell.length_b   106.054
_cell.length_c   207.453
_cell.angle_alpha   90.000
_cell.angle_beta   90.000
_cell.angle_gamma   90.000
#
_symmetry.space_group_name_H-M   'P 21 21 21'
#
loop_
_entity.id
_entity.type
_entity.pdbx_description
1 polymer 'Methionyl-tRNA synthetase'
2 non-polymer METHIONINE
3 non-polymer GLYCEROL
4 non-polymer 'DIMETHYL SULFOXIDE'
5 non-polymer 'SULFATE ION'
6 non-polymer "N-(3,5-dichlorobenzyl)-N'-(5-fluoro-1H-imidazo[4,5-b]pyridin-2-yl)propane-1,3-diamine"
7 water water
#
_entity_poly.entity_id   1
_entity_poly.type   'polypeptide(L)'
_entity_poly.pdbx_seq_one_letter_code
;GPGSMKVEKVFFVTSPIYYVNAAPHIGHVYSTLITDVIGRYHRVKGERVFALTGTDEHGQKVAEAAKQKQVSPYDFTTAV
AGEFKKCFEQMDYSIDYFIRTTNEQHKAVVKELWTKLEQKGDIYLGRYEGWYSISDESFLTPQNITDGVDKDGNPCKVSL
ESGHVVTWVSEENYMFRLSAFRERLLEWYHANPGCIVPEFRRREVIRAVEKGLPDLSVSRARATLHNWAIPVPGNPDH
(CAS)VYVWLDALTNYLTGSRLRVDESGKEVSLVDDFNELERFPADVHVIGKDILKFHAIYWPAFLLSAGLPLPKKIVAH
GWWTKDRKKISKSLGNVFDPVEKAEEFGYDALKYFLLRESGFSDDGDYSDKNMIARLNGELADTLGNLVMRCTSAKINVN
GEWPSPAAYTEEDESLIQLIKDLPGTADHYYLIPDIQKAIIAVFDVLRAINAYVTDMAPWKLVKTDPERLRTVLYITLEG
VRVTTLLLSPILPRKSVVIFDMLGVPEVHRKGIENFEFGAVPPGTRLGPAVEGEVLFSKRSTENTKST
;
_entity_poly.pdbx_strand_id   A,B
#
# COMPACT_ATOMS: atom_id res chain seq x y z
N VAL A 7 1.22 31.17 -3.62
CA VAL A 7 0.30 32.34 -3.86
C VAL A 7 -1.12 31.97 -3.41
N GLU A 8 -1.59 32.59 -2.33
CA GLU A 8 -2.89 32.24 -1.74
C GLU A 8 -4.05 32.81 -2.55
N LYS A 9 -4.94 31.93 -3.01
CA LYS A 9 -6.16 32.31 -3.69
C LYS A 9 -7.33 31.42 -3.26
N VAL A 10 -8.50 31.71 -3.81
CA VAL A 10 -9.67 30.89 -3.60
C VAL A 10 -9.59 29.72 -4.54
N PHE A 11 -9.64 28.50 -4.01
CA PHE A 11 -9.59 27.32 -4.84
C PHE A 11 -10.88 27.26 -5.63
N PHE A 12 -10.75 27.34 -6.94
CA PHE A 12 -11.86 27.45 -7.88
C PHE A 12 -11.96 26.16 -8.67
N VAL A 13 -13.04 25.40 -8.44
CA VAL A 13 -13.28 24.12 -9.12
C VAL A 13 -14.65 24.14 -9.77
N THR A 14 -14.73 23.61 -11.00
CA THR A 14 -15.95 23.71 -11.82
C THR A 14 -16.41 22.35 -12.30
N SER A 15 -17.70 22.29 -12.59
CA SER A 15 -18.24 21.22 -13.42
C SER A 15 -18.52 21.83 -14.79
N PRO A 16 -18.87 21.00 -15.77
CA PRO A 16 -19.35 21.58 -17.00
C PRO A 16 -20.73 22.13 -16.74
N ILE A 17 -21.18 23.08 -17.55
CA ILE A 17 -22.58 23.49 -17.55
C ILE A 17 -23.31 22.63 -18.58
N TYR A 18 -24.46 22.10 -18.19
CA TYR A 18 -25.12 21.04 -18.93
C TYR A 18 -26.22 21.58 -19.80
N TYR A 19 -26.36 21.01 -20.98
CA TYR A 19 -27.45 21.37 -21.87
C TYR A 19 -28.76 21.00 -21.22
N VAL A 20 -29.76 21.85 -21.43
CA VAL A 20 -31.07 21.65 -20.81
C VAL A 20 -32.13 21.11 -21.77
N ASN A 21 -31.70 20.46 -22.83
CA ASN A 21 -32.64 19.82 -23.76
C ASN A 21 -33.36 18.62 -23.16
N ALA A 22 -32.78 18.08 -22.09
CA ALA A 22 -33.29 16.87 -21.46
C ALA A 22 -33.09 16.94 -19.97
N ALA A 23 -33.93 16.20 -19.26
CA ALA A 23 -33.88 16.14 -17.82
C ALA A 23 -32.55 15.57 -17.38
N PRO A 24 -32.10 15.92 -16.13
CA PRO A 24 -30.85 15.41 -15.60
C PRO A 24 -30.81 13.89 -15.43
N HIS A 25 -29.63 13.33 -15.70
CA HIS A 25 -29.37 11.92 -15.54
C HIS A 25 -27.98 11.73 -14.92
N ILE A 26 -27.61 10.48 -14.74
CA ILE A 26 -26.37 10.09 -14.10
C ILE A 26 -25.09 10.84 -14.57
N GLY A 27 -24.93 11.01 -15.88
CA GLY A 27 -23.81 11.76 -16.43
C GLY A 27 -23.52 13.10 -15.74
N HIS A 28 -24.57 13.89 -15.55
CA HIS A 28 -24.41 15.23 -14.98
C HIS A 28 -24.13 15.11 -13.51
N VAL A 29 -24.84 14.17 -12.89
CA VAL A 29 -24.67 13.89 -11.47
C VAL A 29 -23.20 13.54 -11.18
N TYR A 30 -22.66 12.60 -11.94
CA TYR A 30 -21.28 12.15 -11.76
C TYR A 30 -20.29 13.29 -11.94
N SER A 31 -20.40 14.04 -13.03
CA SER A 31 -19.51 15.20 -13.25
C SER A 31 -19.53 16.14 -12.06
N THR A 32 -20.73 16.49 -11.63
CA THR A 32 -20.93 17.41 -10.53
C THR A 32 -20.50 16.81 -9.19
N LEU A 33 -20.62 15.49 -9.04
CA LEU A 33 -20.13 14.79 -7.84
C LEU A 33 -18.62 14.92 -7.68
N ILE A 34 -17.90 14.67 -8.78
CA ILE A 34 -16.45 14.84 -8.83
C ILE A 34 -16.06 16.27 -8.47
N THR A 35 -16.78 17.24 -9.02
CA THR A 35 -16.54 18.65 -8.73
C THR A 35 -16.72 18.91 -7.23
N ASP A 36 -17.80 18.36 -6.70
CA ASP A 36 -18.15 18.52 -5.31
C ASP A 36 -17.11 17.91 -4.38
N VAL A 37 -16.66 16.70 -4.71
CA VAL A 37 -15.71 16.00 -3.86
C VAL A 37 -14.39 16.76 -3.78
N ILE A 38 -13.90 17.24 -4.92
CA ILE A 38 -12.69 18.06 -4.96
C ILE A 38 -12.88 19.28 -4.08
N GLY A 39 -13.99 19.99 -4.31
CA GLY A 39 -14.32 21.17 -3.54
C GLY A 39 -14.25 20.85 -2.06
N ARG A 40 -14.95 19.78 -1.67
CA ARG A 40 -15.05 19.38 -0.27
C ARG A 40 -13.69 19.05 0.32
N TYR A 41 -12.85 18.34 -0.43
CA TYR A 41 -11.51 18.01 0.07
C TYR A 41 -10.74 19.29 0.41
N HIS A 42 -10.72 20.27 -0.50
CA HIS A 42 -9.98 21.52 -0.26
C HIS A 42 -10.59 22.35 0.89
N ARG A 43 -11.89 22.22 1.12
CA ARG A 43 -12.48 22.81 2.32
C ARG A 43 -12.01 22.08 3.61
N VAL A 44 -11.92 20.75 3.54
CA VAL A 44 -11.41 19.92 4.66
C VAL A 44 -9.97 20.29 4.95
N LYS A 45 -9.23 20.60 3.89
CA LYS A 45 -7.84 21.04 4.02
C LYS A 45 -7.75 22.41 4.71
N GLY A 46 -8.84 23.17 4.65
CA GLY A 46 -8.93 24.47 5.31
C GLY A 46 -8.73 25.63 4.34
N GLU A 47 -8.90 25.37 3.05
CA GLU A 47 -8.71 26.38 2.02
C GLU A 47 -10.03 27.06 1.70
N ARG A 48 -9.97 28.26 1.14
CA ARG A 48 -11.14 28.93 0.60
C ARG A 48 -11.55 28.23 -0.69
N VAL A 49 -12.84 27.97 -0.86
CA VAL A 49 -13.32 27.30 -2.06
C VAL A 49 -14.51 27.99 -2.73
N PHE A 50 -14.53 27.90 -4.05
CA PHE A 50 -15.69 28.26 -4.85
C PHE A 50 -15.88 27.16 -5.88
N ALA A 51 -16.89 26.32 -5.67
CA ALA A 51 -17.24 25.29 -6.63
C ALA A 51 -18.41 25.79 -7.46
N LEU A 52 -18.40 25.48 -8.74
CA LEU A 52 -19.36 26.03 -9.69
C LEU A 52 -19.95 24.92 -10.53
N THR A 53 -21.27 24.95 -10.68
CA THR A 53 -21.96 24.08 -11.63
C THR A 53 -23.06 24.90 -12.30
N GLY A 54 -23.72 24.37 -13.32
CA GLY A 54 -24.77 25.12 -14.01
C GLY A 54 -25.41 24.52 -15.25
N THR A 55 -26.13 25.35 -15.98
CA THR A 55 -26.84 24.94 -17.18
C THR A 55 -26.49 25.79 -18.41
N ASP A 56 -26.43 25.13 -19.56
CA ASP A 56 -26.05 25.71 -20.83
C ASP A 56 -27.34 25.82 -21.63
N GLU A 57 -27.95 26.98 -21.63
CA GLU A 57 -29.36 27.10 -21.99
C GLU A 57 -29.66 27.62 -23.40
N HIS A 58 -28.71 28.28 -24.05
CA HIS A 58 -28.89 28.73 -25.44
C HIS A 58 -28.58 27.64 -26.45
N GLY A 59 -28.89 27.94 -27.72
CA GLY A 59 -28.40 27.16 -28.83
C GLY A 59 -29.50 26.51 -29.65
N GLN A 60 -29.09 26.00 -30.81
CA GLN A 60 -30.01 25.42 -31.77
C GLN A 60 -30.67 24.15 -31.21
N LYS A 61 -29.89 23.37 -30.48
CA LYS A 61 -30.35 22.11 -29.90
C LYS A 61 -31.43 22.27 -28.82
N VAL A 62 -31.22 23.23 -27.93
CA VAL A 62 -32.21 23.54 -26.88
C VAL A 62 -33.47 24.20 -27.44
N ALA A 63 -33.33 25.04 -28.45
CA ALA A 63 -34.47 25.67 -29.07
C ALA A 63 -35.33 24.62 -29.77
N GLU A 64 -34.67 23.65 -30.40
CA GLU A 64 -35.39 22.58 -31.10
C GLU A 64 -35.97 21.54 -30.16
N ALA A 65 -35.33 21.37 -29.00
CA ALA A 65 -35.91 20.57 -27.92
C ALA A 65 -37.18 21.22 -27.32
N ALA A 66 -37.19 22.54 -27.26
CA ALA A 66 -38.35 23.29 -26.76
C ALA A 66 -39.50 23.28 -27.76
N LYS A 67 -39.19 23.48 -29.05
CA LYS A 67 -40.20 23.42 -30.11
C LYS A 67 -40.82 22.02 -30.20
N GLN A 68 -40.04 21.00 -29.87
CA GLN A 68 -40.56 19.64 -29.78
C GLN A 68 -41.61 19.49 -28.68
N LYS A 69 -41.31 19.98 -27.48
CA LYS A 69 -42.27 19.97 -26.37
C LYS A 69 -43.36 21.04 -26.52
N GLN A 70 -43.22 21.92 -27.51
CA GLN A 70 -44.21 22.93 -27.87
C GLN A 70 -44.38 24.01 -26.82
N VAL A 71 -43.25 24.59 -26.38
CA VAL A 71 -43.27 25.65 -25.38
C VAL A 71 -42.12 26.65 -25.66
N SER A 72 -42.24 27.87 -25.16
CA SER A 72 -41.26 28.93 -25.43
C SER A 72 -39.91 28.61 -24.81
N PRO A 73 -38.82 28.77 -25.58
CA PRO A 73 -37.48 28.51 -25.07
C PRO A 73 -37.24 29.03 -23.66
N TYR A 74 -37.71 30.24 -23.36
CA TYR A 74 -37.57 30.84 -22.01
C TYR A 74 -38.18 29.94 -20.94
N ASP A 75 -39.41 29.48 -21.16
CA ASP A 75 -40.11 28.63 -20.20
C ASP A 75 -39.40 27.31 -20.01
N PHE A 76 -39.05 26.71 -21.15
CA PHE A 76 -38.43 25.38 -21.20
C PHE A 76 -37.14 25.36 -20.42
N THR A 77 -36.27 26.33 -20.67
CA THR A 77 -34.99 26.40 -19.99
C THR A 77 -35.14 26.59 -18.49
N THR A 78 -36.05 27.49 -18.10
CA THR A 78 -36.28 27.75 -16.68
C THR A 78 -36.76 26.49 -15.96
N ALA A 79 -37.68 25.76 -16.59
CA ALA A 79 -38.22 24.54 -16.00
C ALA A 79 -37.16 23.45 -15.80
N VAL A 80 -36.38 23.19 -16.85
CA VAL A 80 -35.36 22.14 -16.80
C VAL A 80 -34.25 22.54 -15.85
N ALA A 81 -33.83 23.80 -15.90
CA ALA A 81 -32.85 24.32 -14.94
C ALA A 81 -33.32 24.10 -13.49
N GLY A 82 -34.62 24.27 -13.26
CA GLY A 82 -35.20 23.96 -11.95
C GLY A 82 -35.04 22.50 -11.58
N GLU A 83 -35.26 21.61 -12.54
CA GLU A 83 -35.05 20.17 -12.34
C GLU A 83 -33.59 19.87 -12.01
N PHE A 84 -32.66 20.55 -12.68
CA PHE A 84 -31.23 20.37 -12.37
C PHE A 84 -30.89 20.80 -10.93
N LYS A 85 -31.44 21.92 -10.49
CA LYS A 85 -31.23 22.39 -9.12
C LYS A 85 -31.83 21.45 -8.11
N LYS A 86 -33.07 21.01 -8.35
CA LYS A 86 -33.74 20.03 -7.50
C LYS A 86 -32.91 18.74 -7.39
N CYS A 87 -32.35 18.28 -8.51
CA CYS A 87 -31.53 17.05 -8.53
C CYS A 87 -30.24 17.21 -7.73
N PHE A 88 -29.60 18.36 -7.82
CA PHE A 88 -28.36 18.57 -7.10
C PHE A 88 -28.56 18.84 -5.61
N GLU A 89 -29.73 19.36 -5.26
CA GLU A 89 -30.09 19.49 -3.84
C GLU A 89 -30.35 18.12 -3.25
N GLN A 90 -31.12 17.32 -3.99
CA GLN A 90 -31.42 15.97 -3.58
C GLN A 90 -30.16 15.13 -3.34
N MET A 91 -29.17 15.29 -4.20
CA MET A 91 -27.90 14.57 -4.10
C MET A 91 -26.99 15.06 -2.99
N ASP A 92 -27.33 16.21 -2.38
CA ASP A 92 -26.63 16.69 -1.19
C ASP A 92 -25.21 17.14 -1.53
N TYR A 93 -25.06 17.86 -2.62
CA TYR A 93 -23.76 18.44 -2.98
C TYR A 93 -23.54 19.67 -2.13
N SER A 94 -22.39 20.29 -2.29
CA SER A 94 -22.07 21.52 -1.57
C SER A 94 -21.43 22.50 -2.56
N ILE A 95 -22.15 22.76 -3.64
CA ILE A 95 -21.70 23.66 -4.69
C ILE A 95 -21.98 25.08 -4.26
N ASP A 96 -21.01 25.94 -4.47
CA ASP A 96 -21.12 27.31 -4.00
C ASP A 96 -22.08 28.14 -4.86
N TYR A 97 -22.14 27.91 -6.17
CA TYR A 97 -23.05 28.67 -7.06
C TYR A 97 -23.54 27.87 -8.28
N PHE A 98 -24.80 28.07 -8.66
CA PHE A 98 -25.41 27.45 -9.86
C PHE A 98 -25.65 28.53 -10.92
N ILE A 99 -24.90 28.46 -12.01
CA ILE A 99 -24.94 29.52 -13.05
C ILE A 99 -25.79 29.10 -14.25
N ARG A 100 -26.47 30.09 -14.84
CA ARG A 100 -27.32 29.90 -16.02
C ARG A 100 -26.91 30.89 -17.09
N THR A 101 -26.71 30.41 -18.31
CA THR A 101 -26.23 31.27 -19.38
C THR A 101 -27.28 32.29 -19.80
N THR A 102 -28.54 32.07 -19.42
CA THR A 102 -29.58 33.07 -19.63
C THR A 102 -29.44 34.30 -18.69
N ASN A 103 -28.62 34.19 -17.66
CA ASN A 103 -28.40 35.27 -16.70
C ASN A 103 -27.84 36.50 -17.40
N GLU A 104 -28.40 37.67 -17.09
CA GLU A 104 -28.02 38.92 -17.76
C GLU A 104 -26.55 39.28 -17.52
N GLN A 105 -26.03 38.93 -16.33
CA GLN A 105 -24.63 39.23 -15.99
C GLN A 105 -23.68 38.37 -16.81
N HIS A 106 -24.06 37.11 -17.04
CA HIS A 106 -23.28 36.23 -17.91
C HIS A 106 -23.18 36.79 -19.32
N LYS A 107 -24.29 37.30 -19.83
CA LYS A 107 -24.33 37.84 -21.18
C LYS A 107 -23.40 39.04 -21.31
N ALA A 108 -23.36 39.84 -20.26
CA ALA A 108 -22.47 41.00 -20.20
C ALA A 108 -21.02 40.58 -20.34
N VAL A 109 -20.64 39.55 -19.59
CA VAL A 109 -19.27 39.02 -19.61
C VAL A 109 -18.92 38.51 -21.02
N VAL A 110 -19.84 37.79 -21.63
CA VAL A 110 -19.64 37.25 -22.97
C VAL A 110 -19.37 38.37 -23.96
N LYS A 111 -20.11 39.48 -23.83
CA LYS A 111 -19.92 40.61 -24.71
C LYS A 111 -18.57 41.29 -24.48
N GLU A 112 -18.12 41.36 -23.21
CA GLU A 112 -16.80 41.91 -22.92
C GLU A 112 -15.75 41.05 -23.59
N LEU A 113 -15.84 39.74 -23.39
CA LEU A 113 -14.87 38.80 -23.94
C LEU A 113 -14.87 38.84 -25.46
N TRP A 114 -16.05 38.79 -26.07
CA TRP A 114 -16.17 38.91 -27.51
C TRP A 114 -15.45 40.15 -28.02
N THR A 115 -15.73 41.27 -27.39
CA THR A 115 -15.16 42.54 -27.81
C THR A 115 -13.64 42.55 -27.66
N LYS A 116 -13.13 41.97 -26.59
CA LYS A 116 -11.70 41.92 -26.38
C LYS A 116 -11.02 41.18 -27.52
N LEU A 117 -11.53 39.99 -27.81
CA LEU A 117 -11.02 39.16 -28.89
C LEU A 117 -11.05 39.88 -30.24
N GLU A 118 -12.11 40.65 -30.47
CA GLU A 118 -12.27 41.43 -31.70
C GLU A 118 -11.25 42.57 -31.75
N GLN A 119 -11.04 43.23 -30.62
CA GLN A 119 -10.05 44.31 -30.52
C GLN A 119 -8.62 43.79 -30.68
N LYS A 120 -8.34 42.62 -30.12
CA LYS A 120 -7.04 41.97 -30.29
C LYS A 120 -6.81 41.52 -31.74
N GLY A 121 -7.82 41.64 -32.62
CA GLY A 121 -7.67 41.33 -34.04
C GLY A 121 -7.84 39.87 -34.35
N ASP A 122 -8.43 39.13 -33.41
CA ASP A 122 -8.53 37.68 -33.50
C ASP A 122 -9.91 37.17 -33.96
N ILE A 123 -10.85 38.08 -34.17
CA ILE A 123 -12.14 37.75 -34.82
C ILE A 123 -12.37 38.53 -36.16
N TYR A 124 -12.52 37.80 -37.26
CA TYR A 124 -12.75 38.37 -38.62
C TYR A 124 -14.02 37.82 -39.25
N LEU A 125 -14.59 38.53 -40.21
CA LEU A 125 -15.78 38.05 -40.91
C LEU A 125 -15.35 37.11 -42.02
N GLY A 126 -15.84 35.87 -41.94
CA GLY A 126 -15.50 34.81 -42.87
C GLY A 126 -16.69 33.93 -43.21
N ARG A 127 -16.38 32.74 -43.72
CA ARG A 127 -17.36 31.66 -43.91
C ARG A 127 -16.96 30.36 -43.25
N TYR A 128 -17.95 29.64 -42.72
CA TYR A 128 -17.79 28.24 -42.42
C TYR A 128 -18.62 27.46 -43.43
N GLU A 129 -17.96 26.55 -44.15
CA GLU A 129 -18.64 25.61 -45.03
C GLU A 129 -18.17 24.21 -44.69
N GLY A 130 -19.04 23.44 -44.06
CA GLY A 130 -18.67 22.11 -43.61
C GLY A 130 -19.72 21.43 -42.74
N TRP A 131 -19.32 20.34 -42.11
CA TRP A 131 -20.23 19.55 -41.30
C TRP A 131 -20.39 20.12 -39.89
N TYR A 132 -21.54 19.81 -39.29
CA TYR A 132 -21.84 20.23 -37.93
C TYR A 132 -22.76 19.21 -37.27
N SER A 133 -22.49 18.90 -36.01
CA SER A 133 -23.40 18.10 -35.19
C SER A 133 -24.15 19.02 -34.25
N ILE A 134 -25.47 19.07 -34.39
CA ILE A 134 -26.28 19.99 -33.59
C ILE A 134 -26.42 19.47 -32.14
N SER A 135 -26.33 18.15 -31.97
CA SER A 135 -26.36 17.56 -30.62
C SER A 135 -25.12 17.92 -29.86
N ASP A 136 -23.98 17.86 -30.53
CA ASP A 136 -22.70 18.15 -29.90
C ASP A 136 -22.31 19.62 -30.03
N GLU A 137 -23.05 20.35 -30.87
CA GLU A 137 -22.77 21.75 -31.18
C GLU A 137 -21.32 21.92 -31.61
N SER A 138 -20.85 20.96 -32.41
CA SER A 138 -19.44 20.81 -32.76
C SER A 138 -19.22 20.85 -34.28
N PHE A 139 -18.26 21.65 -34.73
CA PHE A 139 -17.82 21.62 -36.12
C PHE A 139 -16.90 20.41 -36.32
N LEU A 140 -17.19 19.62 -37.34
CA LEU A 140 -16.41 18.43 -37.64
C LEU A 140 -15.84 18.52 -39.06
N THR A 141 -14.71 17.87 -39.29
CA THR A 141 -14.11 17.80 -40.63
C THR A 141 -14.54 16.49 -41.29
N PRO A 142 -14.39 16.38 -42.63
CA PRO A 142 -14.89 15.19 -43.33
C PRO A 142 -14.37 13.84 -42.79
N GLN A 143 -13.23 13.84 -42.11
CA GLN A 143 -12.68 12.60 -41.56
C GLN A 143 -13.38 12.17 -40.28
N ASN A 144 -14.18 13.06 -39.69
CA ASN A 144 -14.92 12.75 -38.46
C ASN A 144 -16.39 12.35 -38.69
N ILE A 145 -16.78 12.08 -39.93
CA ILE A 145 -18.14 11.68 -40.25
C ILE A 145 -18.15 10.33 -40.95
N THR A 146 -19.30 9.68 -40.94
CA THR A 146 -19.44 8.41 -41.64
C THR A 146 -20.93 8.11 -41.79
N ASP A 147 -21.28 7.00 -42.43
CA ASP A 147 -22.67 6.68 -42.72
C ASP A 147 -23.38 6.06 -41.51
N GLY A 148 -24.66 6.38 -41.37
CA GLY A 148 -25.49 5.87 -40.27
C GLY A 148 -26.98 5.97 -40.57
N VAL A 149 -27.78 6.11 -39.52
CA VAL A 149 -29.23 6.30 -39.66
C VAL A 149 -29.80 7.26 -38.60
N ASP A 150 -30.85 7.97 -39.01
CA ASP A 150 -31.62 8.87 -38.12
C ASP A 150 -32.82 8.12 -37.51
N LYS A 151 -33.43 8.66 -36.46
CA LYS A 151 -34.61 8.05 -35.83
C LYS A 151 -35.73 7.68 -36.84
N ASP A 152 -35.62 8.17 -38.08
CA ASP A 152 -36.41 7.67 -39.23
C ASP A 152 -36.04 6.26 -39.69
N GLY A 153 -34.77 5.88 -39.52
CA GLY A 153 -34.19 4.74 -40.24
C GLY A 153 -33.99 5.12 -41.70
N ASN A 154 -33.25 6.22 -41.92
CA ASN A 154 -32.97 6.77 -43.24
C ASN A 154 -31.45 6.93 -43.38
N PRO A 155 -30.89 6.72 -44.59
CA PRO A 155 -29.44 6.79 -44.74
C PRO A 155 -28.95 8.22 -44.61
N CYS A 156 -28.26 8.52 -43.52
CA CYS A 156 -27.75 9.86 -43.27
C CYS A 156 -26.33 9.79 -42.78
N LYS A 157 -25.69 10.96 -42.70
CA LYS A 157 -24.32 11.07 -42.18
C LYS A 157 -24.36 11.28 -40.67
N VAL A 158 -23.40 10.69 -39.96
CA VAL A 158 -23.32 10.80 -38.50
C VAL A 158 -21.88 11.03 -38.03
N SER A 159 -21.74 11.57 -36.82
CA SER A 159 -20.41 11.89 -36.27
C SER A 159 -19.67 10.64 -35.77
N LEU A 160 -18.35 10.62 -35.99
CA LEU A 160 -17.50 9.53 -35.50
C LEU A 160 -17.35 9.62 -33.99
N GLU A 161 -17.17 10.86 -33.49
CA GLU A 161 -17.13 11.15 -32.06
C GLU A 161 -18.35 10.50 -31.39
N SER A 162 -19.52 11.04 -31.65
CA SER A 162 -20.71 10.77 -30.85
C SER A 162 -21.73 9.83 -31.47
N GLY A 163 -21.78 9.79 -32.79
CA GLY A 163 -22.79 9.00 -33.49
C GLY A 163 -24.08 9.75 -33.72
N HIS A 164 -24.11 11.05 -33.37
CA HIS A 164 -25.27 11.90 -33.64
C HIS A 164 -25.27 12.31 -35.11
N VAL A 165 -26.45 12.68 -35.60
CA VAL A 165 -26.62 13.06 -36.99
C VAL A 165 -25.92 14.39 -37.28
N VAL A 166 -25.23 14.45 -38.42
CA VAL A 166 -24.54 15.67 -38.86
C VAL A 166 -25.26 16.31 -40.05
N THR A 167 -24.99 17.59 -40.25
CA THR A 167 -25.58 18.34 -41.36
C THR A 167 -24.58 19.33 -41.91
N TRP A 168 -24.63 19.53 -43.22
CA TRP A 168 -23.79 20.53 -43.86
C TRP A 168 -24.27 21.92 -43.48
N VAL A 169 -23.32 22.85 -43.32
CA VAL A 169 -23.63 24.23 -42.99
C VAL A 169 -22.85 25.11 -43.97
N SER A 170 -23.48 26.14 -44.50
CA SER A 170 -22.80 27.10 -45.34
C SER A 170 -23.29 28.46 -44.95
N GLU A 171 -22.53 29.11 -44.06
CA GLU A 171 -22.86 30.45 -43.56
C GLU A 171 -21.66 31.39 -43.49
N GLU A 172 -21.91 32.66 -43.81
CA GLU A 172 -20.98 33.73 -43.49
C GLU A 172 -20.98 33.88 -41.99
N ASN A 173 -19.81 33.74 -41.37
CA ASN A 173 -19.69 33.66 -39.91
C ASN A 173 -18.48 34.45 -39.45
N TYR A 174 -18.58 35.03 -38.27
CA TYR A 174 -17.39 35.54 -37.58
C TYR A 174 -16.53 34.35 -37.23
N MET A 175 -15.24 34.47 -37.51
CA MET A 175 -14.31 33.38 -37.35
C MET A 175 -13.26 33.80 -36.34
N PHE A 176 -12.83 32.86 -35.49
CA PHE A 176 -11.77 33.10 -34.52
C PHE A 176 -10.47 32.52 -35.05
N ARG A 177 -9.36 33.26 -34.92
CA ARG A 177 -8.09 32.88 -35.52
C ARG A 177 -7.34 31.82 -34.71
N LEU A 178 -7.99 30.67 -34.52
CA LEU A 178 -7.42 29.58 -33.73
C LEU A 178 -6.10 29.09 -34.29
N SER A 179 -5.94 29.12 -35.60
CA SER A 179 -4.71 28.66 -36.24
C SER A 179 -3.48 29.41 -35.74
N ALA A 180 -3.69 30.66 -35.34
CA ALA A 180 -2.61 31.51 -34.85
C ALA A 180 -2.10 31.09 -33.48
N PHE A 181 -2.90 30.31 -32.74
CA PHE A 181 -2.55 29.88 -31.39
C PHE A 181 -1.95 28.47 -31.27
N ARG A 182 -1.65 27.83 -32.41
CA ARG A 182 -1.09 26.50 -32.39
C ARG A 182 0.21 26.42 -31.57
N GLU A 183 1.13 27.34 -31.81
CA GLU A 183 2.41 27.33 -31.11
C GLU A 183 2.26 27.58 -29.62
N ARG A 184 1.56 28.65 -29.26
CA ARG A 184 1.39 29.02 -27.86
C ARG A 184 0.70 27.91 -27.07
N LEU A 185 -0.24 27.22 -27.69
CA LEU A 185 -0.94 26.09 -27.04
C LEU A 185 0.03 24.93 -26.81
N LEU A 186 0.79 24.58 -27.85
CA LEU A 186 1.80 23.54 -27.70
C LEU A 186 2.81 23.91 -26.60
N GLU A 187 3.27 25.17 -26.60
CA GLU A 187 4.16 25.67 -25.54
C GLU A 187 3.54 25.50 -24.17
N TRP A 188 2.25 25.75 -24.07
CA TRP A 188 1.52 25.57 -22.82
C TRP A 188 1.45 24.11 -22.39
N TYR A 189 1.05 23.21 -23.30
CA TYR A 189 0.95 21.79 -22.96
C TYR A 189 2.29 21.22 -22.48
N HIS A 190 3.36 21.56 -23.19
CA HIS A 190 4.69 21.03 -22.86
C HIS A 190 5.28 21.61 -21.58
N ALA A 191 4.98 22.87 -21.31
CA ALA A 191 5.51 23.55 -20.14
C ALA A 191 4.78 23.14 -18.86
N ASN A 192 3.53 22.71 -18.98
CA ASN A 192 2.73 22.33 -17.83
C ASN A 192 2.19 20.93 -18.04
N PRO A 193 3.06 19.92 -17.91
CA PRO A 193 2.69 18.57 -18.31
C PRO A 193 1.57 17.93 -17.48
N GLY A 194 1.21 18.54 -16.35
CA GLY A 194 0.06 18.10 -15.57
C GLY A 194 -1.23 18.86 -15.86
N CYS A 195 -1.23 19.76 -16.84
CA CYS A 195 -2.39 20.62 -17.09
C CYS A 195 -3.62 19.87 -17.62
N ILE A 196 -3.42 18.67 -18.19
CA ILE A 196 -4.52 17.83 -18.67
C ILE A 196 -4.38 16.42 -18.12
N VAL A 197 -5.41 15.95 -17.42
CA VAL A 197 -5.42 14.64 -16.78
C VAL A 197 -6.62 13.87 -17.30
N PRO A 198 -6.48 12.58 -17.60
CA PRO A 198 -5.26 11.80 -17.40
C PRO A 198 -4.30 11.93 -18.56
N GLU A 199 -3.08 11.45 -18.36
CA GLU A 199 -1.99 11.66 -19.31
C GLU A 199 -2.34 11.25 -20.74
N PHE A 200 -3.01 10.12 -20.92
CA PHE A 200 -3.35 9.67 -22.28
C PHE A 200 -4.33 10.63 -23.01
N ARG A 201 -5.14 11.37 -22.25
CA ARG A 201 -5.96 12.43 -22.83
C ARG A 201 -5.09 13.66 -23.12
N ARG A 202 -4.08 13.91 -22.31
CA ARG A 202 -3.13 14.96 -22.64
C ARG A 202 -2.41 14.66 -23.96
N ARG A 203 -1.92 13.44 -24.13
CA ARG A 203 -1.24 13.06 -25.37
C ARG A 203 -2.14 13.22 -26.59
N GLU A 204 -3.45 13.00 -26.42
CA GLU A 204 -4.42 13.13 -27.50
C GLU A 204 -4.55 14.58 -27.97
N VAL A 205 -4.74 15.49 -27.02
CA VAL A 205 -4.86 16.91 -27.33
C VAL A 205 -3.63 17.40 -28.07
N ILE A 206 -2.46 16.98 -27.61
CA ILE A 206 -1.20 17.43 -28.19
C ILE A 206 -1.09 16.98 -29.63
N ARG A 207 -1.34 15.70 -29.90
CA ARG A 207 -1.22 15.17 -31.27
C ARG A 207 -2.25 15.79 -32.21
N ALA A 208 -3.38 16.21 -31.67
CA ALA A 208 -4.38 16.92 -32.44
C ALA A 208 -3.87 18.29 -32.83
N VAL A 209 -3.42 19.06 -31.85
CA VAL A 209 -2.92 20.40 -32.11
C VAL A 209 -1.66 20.35 -32.95
N GLU A 210 -0.82 19.34 -32.75
CA GLU A 210 0.36 19.15 -33.60
C GLU A 210 -0.03 19.03 -35.08
N LYS A 211 -1.12 18.32 -35.36
CA LYS A 211 -1.59 18.12 -36.73
C LYS A 211 -2.07 19.38 -37.44
N GLY A 212 -2.24 20.47 -36.69
CA GLY A 212 -2.63 21.75 -37.28
C GLY A 212 -4.02 22.13 -36.82
N LEU A 213 -4.28 23.44 -36.77
CA LEU A 213 -5.57 23.95 -36.31
C LEU A 213 -6.22 24.81 -37.36
N PRO A 214 -7.53 24.60 -37.57
CA PRO A 214 -8.28 25.53 -38.41
C PRO A 214 -8.88 26.66 -37.57
N ASP A 215 -9.20 27.77 -38.22
CA ASP A 215 -9.94 28.83 -37.53
C ASP A 215 -11.34 28.31 -37.16
N LEU A 216 -11.95 28.96 -36.19
CA LEU A 216 -13.18 28.45 -35.61
C LEU A 216 -14.29 29.45 -35.84
N SER A 217 -15.42 28.96 -36.33
CA SER A 217 -16.64 29.76 -36.38
C SER A 217 -17.15 30.05 -34.96
N VAL A 218 -17.24 31.33 -34.61
CA VAL A 218 -17.71 31.75 -33.29
C VAL A 218 -19.08 32.47 -33.31
N SER A 219 -19.63 32.66 -34.51
CA SER A 219 -20.97 33.19 -34.65
C SER A 219 -21.77 32.33 -35.61
N ARG A 220 -23.09 32.47 -35.54
CA ARG A 220 -23.97 31.82 -36.50
C ARG A 220 -25.07 32.78 -36.89
N ALA A 221 -25.60 32.58 -38.09
CA ALA A 221 -26.75 33.34 -38.57
C ALA A 221 -27.88 33.14 -37.59
N ARG A 222 -28.53 34.23 -37.19
CA ARG A 222 -29.57 34.17 -36.16
C ARG A 222 -30.78 33.30 -36.52
N ALA A 223 -31.11 33.23 -37.82
CA ALA A 223 -32.18 32.36 -38.28
C ALA A 223 -31.91 30.89 -37.89
N THR A 224 -30.68 30.44 -38.11
CA THR A 224 -30.27 29.07 -37.81
C THR A 224 -30.58 28.66 -36.36
N LEU A 225 -30.25 29.53 -35.42
CA LEU A 225 -30.41 29.25 -33.99
C LEU A 225 -31.81 29.56 -33.44
N HIS A 226 -32.74 29.91 -34.31
CA HIS A 226 -34.08 30.27 -33.89
C HIS A 226 -34.03 31.41 -32.87
N ASN A 227 -33.05 32.30 -33.05
CA ASN A 227 -32.84 33.48 -32.20
C ASN A 227 -32.66 33.19 -30.71
N TRP A 228 -32.22 31.98 -30.37
CA TRP A 228 -32.09 31.60 -28.98
C TRP A 228 -30.62 31.56 -28.61
N ALA A 229 -30.04 32.76 -28.50
CA ALA A 229 -28.61 32.92 -28.24
C ALA A 229 -28.25 34.39 -28.03
N ILE A 230 -27.01 34.64 -27.64
CA ILE A 230 -26.56 36.00 -27.31
C ILE A 230 -26.14 36.72 -28.57
N PRO A 231 -26.70 37.91 -28.83
CA PRO A 231 -26.30 38.68 -30.01
C PRO A 231 -24.83 39.08 -30.03
N VAL A 232 -24.25 39.08 -31.22
CA VAL A 232 -22.89 39.59 -31.40
C VAL A 232 -22.95 41.09 -31.17
N PRO A 233 -22.05 41.61 -30.32
CA PRO A 233 -21.98 43.07 -30.11
C PRO A 233 -21.83 43.86 -31.40
N GLY A 234 -22.77 44.76 -31.67
CA GLY A 234 -22.73 45.55 -32.87
C GLY A 234 -23.03 44.79 -34.16
N ASN A 235 -23.66 43.63 -34.05
CA ASN A 235 -24.18 42.93 -35.23
C ASN A 235 -25.31 41.97 -34.86
N PRO A 236 -26.55 42.50 -34.76
CA PRO A 236 -27.69 41.67 -34.29
C PRO A 236 -28.15 40.59 -35.27
N ASP A 237 -27.59 40.54 -36.48
CA ASP A 237 -27.85 39.44 -37.41
C ASP A 237 -27.15 38.13 -37.02
N HIS A 238 -26.10 38.23 -36.22
CA HIS A 238 -25.34 37.07 -35.81
C HIS A 238 -25.48 36.82 -34.31
N VAL A 240 -23.65 34.59 -30.86
CA VAL A 240 -22.44 34.00 -30.37
C VAL A 240 -22.63 32.49 -30.26
N TYR A 241 -21.68 31.75 -30.84
CA TYR A 241 -21.56 30.28 -30.77
C TYR A 241 -21.83 29.85 -29.36
N VAL A 242 -22.81 28.98 -29.18
CA VAL A 242 -23.15 28.46 -27.85
C VAL A 242 -21.92 28.05 -27.02
N TRP A 243 -20.84 27.62 -27.65
CA TRP A 243 -19.68 27.17 -26.91
C TRP A 243 -18.79 28.32 -26.35
N LEU A 244 -18.58 29.38 -27.13
CA LEU A 244 -17.90 30.57 -26.59
C LEU A 244 -18.75 31.20 -25.47
N ASP A 245 -20.07 31.21 -25.71
CA ASP A 245 -21.12 31.52 -24.72
C ASP A 245 -20.88 30.67 -23.48
N ALA A 246 -20.91 29.34 -23.67
CA ALA A 246 -20.89 28.37 -22.56
C ALA A 246 -19.58 28.32 -21.79
N LEU A 247 -18.46 28.30 -22.52
CA LEU A 247 -17.15 28.28 -21.89
C LEU A 247 -16.92 29.50 -21.00
N THR A 248 -17.52 30.61 -21.39
CA THR A 248 -17.33 31.85 -20.69
C THR A 248 -17.98 31.83 -19.30
N ASN A 249 -18.82 30.85 -19.03
CA ASN A 249 -19.45 30.77 -17.72
C ASN A 249 -18.43 30.76 -16.59
N TYR A 250 -17.28 30.12 -16.82
CA TYR A 250 -16.28 29.96 -15.78
C TYR A 250 -15.77 31.33 -15.38
N LEU A 251 -15.56 32.17 -16.39
CA LEU A 251 -15.16 33.56 -16.19
C LEU A 251 -16.24 34.34 -15.46
N THR A 252 -17.48 34.21 -15.89
CA THR A 252 -18.61 34.85 -15.21
C THR A 252 -18.72 34.44 -13.74
N GLY A 253 -18.67 33.15 -13.47
CA GLY A 253 -18.77 32.63 -12.11
C GLY A 253 -17.71 33.21 -11.19
N SER A 254 -16.52 33.41 -11.75
CA SER A 254 -15.40 33.95 -10.99
C SER A 254 -15.57 35.41 -10.63
N ARG A 255 -16.56 36.08 -11.25
CA ARG A 255 -16.83 37.51 -11.04
C ARG A 255 -18.14 37.81 -10.30
N LEU A 256 -18.91 36.78 -9.94
CA LEU A 256 -20.18 37.00 -9.24
C LEU A 256 -20.04 36.95 -7.72
N ARG A 257 -20.42 38.02 -7.03
CA ARG A 257 -20.63 37.94 -5.58
C ARG A 257 -21.96 37.25 -5.27
N VAL A 258 -21.96 36.34 -4.31
CA VAL A 258 -23.13 35.54 -4.01
C VAL A 258 -23.47 35.63 -2.52
N ASP A 259 -24.75 35.79 -2.20
CA ASP A 259 -25.19 36.00 -0.81
C ASP A 259 -25.46 34.69 -0.04
N GLU A 260 -25.91 34.82 1.21
CA GLU A 260 -26.32 33.69 2.05
C GLU A 260 -27.20 32.68 1.30
N SER A 261 -28.26 33.16 0.68
CA SER A 261 -29.23 32.31 -0.04
C SER A 261 -28.61 31.57 -1.24
N GLY A 262 -27.71 32.23 -1.98
CA GLY A 262 -27.10 31.63 -3.17
C GLY A 262 -27.44 32.35 -4.47
N LYS A 263 -28.19 33.44 -4.40
CA LYS A 263 -28.48 34.27 -5.58
C LYS A 263 -27.26 35.14 -5.92
N GLU A 264 -27.01 35.35 -7.21
CA GLU A 264 -26.02 36.32 -7.70
C GLU A 264 -26.45 37.70 -7.24
N VAL A 265 -25.56 38.48 -6.64
CA VAL A 265 -25.93 39.84 -6.22
C VAL A 265 -25.14 40.96 -6.89
N SER A 266 -24.06 40.62 -7.60
CA SER A 266 -23.19 41.65 -8.18
C SER A 266 -22.20 41.04 -9.16
N LEU A 267 -21.81 41.82 -10.16
CA LEU A 267 -20.79 41.38 -11.13
C LEU A 267 -19.61 42.34 -11.11
N VAL A 268 -18.54 41.95 -10.43
CA VAL A 268 -17.33 42.77 -10.34
C VAL A 268 -16.69 42.93 -11.71
N ASP A 269 -16.07 44.08 -11.95
CA ASP A 269 -15.44 44.37 -13.24
C ASP A 269 -14.16 43.58 -13.45
N ASP A 270 -13.36 43.48 -12.40
CA ASP A 270 -12.05 42.83 -12.45
C ASP A 270 -12.12 41.48 -11.73
N PHE A 271 -11.78 40.40 -12.44
CA PHE A 271 -11.84 39.05 -11.86
C PHE A 271 -10.97 38.90 -10.61
N ASN A 272 -9.82 39.58 -10.59
CA ASN A 272 -8.90 39.55 -9.44
C ASN A 272 -9.57 39.92 -8.13
N GLU A 273 -10.61 40.74 -8.20
CA GLU A 273 -11.30 41.19 -6.99
C GLU A 273 -11.80 40.02 -6.12
N LEU A 274 -12.25 38.94 -6.75
CA LEU A 274 -12.77 37.78 -6.01
C LEU A 274 -11.79 36.63 -5.85
N GLU A 275 -10.61 36.72 -6.47
CA GLU A 275 -9.52 35.74 -6.25
C GLU A 275 -9.82 34.32 -6.75
N ARG A 276 -10.75 34.19 -7.70
CA ARG A 276 -11.18 32.86 -8.19
C ARG A 276 -10.53 32.44 -9.51
N PHE A 277 -10.47 33.37 -10.46
CA PHE A 277 -9.99 33.07 -11.81
C PHE A 277 -8.47 33.02 -11.82
N PRO A 278 -7.85 32.08 -12.54
CA PRO A 278 -8.51 31.06 -13.35
C PRO A 278 -8.81 29.79 -12.57
N ALA A 279 -9.56 28.87 -13.17
CA ALA A 279 -9.89 27.62 -12.51
C ALA A 279 -8.66 26.84 -12.12
N ASP A 280 -8.71 26.24 -10.94
CA ASP A 280 -7.67 25.34 -10.49
C ASP A 280 -7.91 23.95 -11.05
N VAL A 281 -9.17 23.54 -11.09
CA VAL A 281 -9.59 22.30 -11.74
C VAL A 281 -10.87 22.56 -12.53
N HIS A 282 -10.84 22.28 -13.83
CA HIS A 282 -12.05 22.11 -14.62
C HIS A 282 -12.38 20.61 -14.71
N VAL A 283 -13.50 20.18 -14.12
CA VAL A 283 -13.95 18.80 -14.30
C VAL A 283 -14.79 18.71 -15.56
N ILE A 284 -14.50 17.74 -16.43
CA ILE A 284 -15.31 17.52 -17.64
C ILE A 284 -15.36 16.07 -18.01
N GLY A 285 -16.27 15.73 -18.91
CA GLY A 285 -16.28 14.42 -19.56
C GLY A 285 -15.38 14.43 -20.78
N LYS A 286 -15.03 13.24 -21.26
CA LYS A 286 -14.10 13.09 -22.40
C LYS A 286 -14.67 13.63 -23.68
N ASP A 287 -16.00 13.65 -23.78
CA ASP A 287 -16.68 14.19 -24.97
C ASP A 287 -16.44 15.69 -25.26
N ILE A 288 -16.03 16.47 -24.27
CA ILE A 288 -15.86 17.91 -24.47
C ILE A 288 -14.45 18.40 -24.19
N LEU A 289 -13.49 17.52 -24.42
CA LEU A 289 -12.09 17.81 -24.16
C LEU A 289 -11.56 18.89 -25.09
N LYS A 290 -11.87 18.77 -26.37
CA LYS A 290 -11.34 19.72 -27.34
C LYS A 290 -11.72 21.17 -27.02
N PHE A 291 -12.93 21.36 -26.50
CA PHE A 291 -13.44 22.72 -26.26
C PHE A 291 -12.71 23.37 -25.08
N HIS A 292 -12.42 22.56 -24.07
CA HIS A 292 -11.76 23.02 -22.86
C HIS A 292 -10.22 23.07 -22.94
N ALA A 293 -9.62 22.20 -23.76
CA ALA A 293 -8.18 22.09 -23.85
C ALA A 293 -7.57 22.81 -25.05
N ILE A 294 -8.42 23.19 -26.00
CA ILE A 294 -7.94 23.86 -27.21
C ILE A 294 -8.58 25.24 -27.39
N TYR A 295 -9.89 25.30 -27.58
CA TYR A 295 -10.55 26.59 -27.85
C TYR A 295 -10.44 27.52 -26.64
N TRP A 296 -10.88 27.03 -25.50
CA TRP A 296 -10.93 27.81 -24.27
C TRP A 296 -9.61 28.48 -23.95
N PRO A 297 -8.50 27.72 -23.96
CA PRO A 297 -7.22 28.37 -23.70
C PRO A 297 -6.79 29.34 -24.79
N ALA A 298 -7.16 29.08 -26.03
CA ALA A 298 -6.85 30.02 -27.11
C ALA A 298 -7.61 31.35 -26.94
N PHE A 299 -8.87 31.27 -26.50
CA PHE A 299 -9.65 32.47 -26.22
C PHE A 299 -8.99 33.29 -25.12
N LEU A 300 -8.53 32.61 -24.07
CA LEU A 300 -7.93 33.25 -22.92
C LEU A 300 -6.60 33.87 -23.31
N LEU A 301 -5.82 33.15 -24.11
CA LEU A 301 -4.56 33.68 -24.64
C LEU A 301 -4.82 34.94 -25.47
N SER A 302 -5.85 34.91 -26.30
CA SER A 302 -6.19 36.07 -27.15
C SER A 302 -6.51 37.30 -26.30
N ALA A 303 -7.26 37.08 -25.23
CA ALA A 303 -7.74 38.16 -24.37
C ALA A 303 -6.77 38.52 -23.25
N GLY A 304 -5.65 37.81 -23.19
CA GLY A 304 -4.63 38.06 -22.19
C GLY A 304 -5.04 37.62 -20.80
N LEU A 305 -5.91 36.62 -20.71
CA LEU A 305 -6.37 36.10 -19.43
C LEU A 305 -5.53 34.91 -18.99
N PRO A 306 -5.43 34.69 -17.66
CA PRO A 306 -4.73 33.51 -17.14
C PRO A 306 -5.42 32.21 -17.51
N LEU A 307 -4.63 31.18 -17.70
CA LEU A 307 -5.11 29.89 -18.13
C LEU A 307 -5.43 29.02 -16.90
N PRO A 308 -6.34 28.06 -17.06
CA PRO A 308 -6.58 27.14 -15.97
C PRO A 308 -5.34 26.32 -15.60
N LYS A 309 -5.36 25.72 -14.43
CA LYS A 309 -4.25 24.94 -13.94
C LYS A 309 -4.38 23.49 -14.39
N LYS A 310 -5.58 22.95 -14.26
CA LYS A 310 -5.83 21.57 -14.62
C LYS A 310 -7.18 21.44 -15.29
N ILE A 311 -7.21 20.61 -16.33
CA ILE A 311 -8.45 20.06 -16.85
C ILE A 311 -8.41 18.57 -16.56
N VAL A 312 -9.38 18.06 -15.83
CA VAL A 312 -9.53 16.61 -15.67
C VAL A 312 -10.74 16.09 -16.46
N ALA A 313 -10.49 15.11 -17.34
CA ALA A 313 -11.53 14.53 -18.18
C ALA A 313 -11.75 13.08 -17.79
N HIS A 314 -12.95 12.78 -17.29
CA HIS A 314 -13.30 11.40 -16.91
C HIS A 314 -13.92 10.62 -18.08
N GLY A 315 -14.27 9.36 -17.85
CA GLY A 315 -14.81 8.51 -18.91
C GLY A 315 -16.29 8.25 -18.81
N TRP A 316 -17.09 9.29 -18.91
CA TRP A 316 -18.51 9.12 -19.07
C TRP A 316 -18.86 10.06 -20.21
N TRP A 317 -20.15 10.18 -20.49
CA TRP A 317 -20.63 11.13 -21.47
C TRP A 317 -21.48 12.14 -20.73
N THR A 318 -21.12 13.40 -20.86
CA THR A 318 -21.78 14.44 -20.10
C THR A 318 -23.22 14.58 -20.65
N LYS A 319 -23.34 14.53 -21.97
CA LYS A 319 -24.62 14.74 -22.66
C LYS A 319 -25.47 13.48 -22.63
N ASN A 330 -32.93 0.36 -20.61
CA ASN A 330 -32.05 0.23 -19.45
C ASN A 330 -31.72 1.59 -18.81
N VAL A 331 -32.16 1.80 -17.57
CA VAL A 331 -32.03 3.08 -16.88
C VAL A 331 -31.27 2.94 -15.56
N PHE A 332 -30.56 4.01 -15.17
CA PHE A 332 -29.91 4.11 -13.86
C PHE A 332 -30.21 5.50 -13.29
N ASP A 333 -31.20 5.57 -12.40
CA ASP A 333 -31.60 6.82 -11.75
C ASP A 333 -30.86 6.97 -10.42
N PRO A 334 -29.93 7.95 -10.32
CA PRO A 334 -29.13 8.05 -9.09
C PRO A 334 -29.94 8.39 -7.84
N VAL A 335 -30.95 9.23 -7.98
CA VAL A 335 -31.76 9.59 -6.82
C VAL A 335 -32.46 8.35 -6.28
N GLU A 336 -32.91 7.47 -7.19
CA GLU A 336 -33.59 6.24 -6.83
C GLU A 336 -32.66 5.26 -6.13
N LYS A 337 -31.51 5.00 -6.74
CA LYS A 337 -30.52 4.09 -6.15
C LYS A 337 -29.99 4.60 -4.80
N ALA A 338 -29.88 5.91 -4.64
CA ALA A 338 -29.46 6.51 -3.37
C ALA A 338 -30.49 6.25 -2.28
N GLU A 339 -31.77 6.32 -2.66
CA GLU A 339 -32.86 6.02 -1.73
C GLU A 339 -32.83 4.55 -1.30
N GLU A 340 -32.33 3.68 -2.17
CA GLU A 340 -32.23 2.25 -1.88
C GLU A 340 -31.00 1.87 -1.07
N PHE A 341 -29.83 2.41 -1.44
CA PHE A 341 -28.56 1.98 -0.83
C PHE A 341 -27.94 3.04 0.08
N GLY A 342 -28.51 4.25 0.09
CA GLY A 342 -27.91 5.39 0.81
C GLY A 342 -27.12 6.31 -0.12
N TYR A 343 -27.12 7.60 0.21
CA TYR A 343 -26.50 8.61 -0.65
C TYR A 343 -24.98 8.54 -0.67
N ASP A 344 -24.37 8.56 0.51
CA ASP A 344 -22.92 8.42 0.60
C ASP A 344 -22.45 7.13 -0.05
N ALA A 345 -23.18 6.04 0.18
CA ALA A 345 -22.81 4.73 -0.38
C ALA A 345 -22.72 4.78 -1.90
N LEU A 346 -23.74 5.37 -2.51
CA LEU A 346 -23.79 5.51 -3.96
C LEU A 346 -22.63 6.34 -4.47
N LYS A 347 -22.40 7.48 -3.84
CA LYS A 347 -21.30 8.37 -4.23
C LYS A 347 -19.97 7.63 -4.20
N TYR A 348 -19.72 6.97 -3.08
CA TYR A 348 -18.56 6.11 -2.93
C TYR A 348 -18.43 5.14 -4.08
N PHE A 349 -19.51 4.42 -4.37
CA PHE A 349 -19.47 3.41 -5.43
C PHE A 349 -19.06 4.01 -6.77
N LEU A 350 -19.73 5.09 -7.15
CA LEU A 350 -19.44 5.78 -8.40
C LEU A 350 -17.98 6.21 -8.47
N LEU A 351 -17.48 6.74 -7.36
CA LEU A 351 -16.12 7.24 -7.27
C LEU A 351 -15.09 6.13 -7.22
N ARG A 352 -15.42 5.04 -6.55
CA ARG A 352 -14.50 3.93 -6.36
C ARG A 352 -14.49 2.97 -7.55
N GLU A 353 -15.67 2.71 -8.13
CA GLU A 353 -15.81 1.68 -9.16
C GLU A 353 -15.12 2.04 -10.47
N SER A 354 -15.10 3.33 -10.78
CA SER A 354 -14.64 3.86 -12.06
C SER A 354 -13.48 4.84 -11.89
N GLY A 355 -12.41 4.61 -12.65
CA GLY A 355 -11.34 5.58 -12.80
C GLY A 355 -11.59 6.20 -14.15
N PHE A 356 -10.52 6.37 -14.92
CA PHE A 356 -10.59 7.10 -16.19
C PHE A 356 -10.92 6.16 -17.35
N SER A 357 -12.11 5.56 -17.23
CA SER A 357 -12.71 4.69 -18.23
C SER A 357 -14.23 4.54 -18.00
N ASP A 358 -14.93 4.07 -19.03
CA ASP A 358 -16.31 3.64 -18.88
C ASP A 358 -16.32 2.31 -18.12
N ASP A 359 -15.30 1.50 -18.41
CA ASP A 359 -15.19 0.13 -17.89
C ASP A 359 -15.13 0.11 -16.36
N GLY A 360 -15.53 -1.03 -15.82
CA GLY A 360 -15.98 -1.16 -14.44
C GLY A 360 -17.50 -1.19 -14.49
N ASP A 361 -18.10 -2.17 -13.80
CA ASP A 361 -19.53 -2.44 -13.95
C ASP A 361 -20.30 -1.74 -12.83
N TYR A 362 -21.46 -1.18 -13.18
CA TYR A 362 -22.32 -0.47 -12.24
C TYR A 362 -23.61 -1.24 -11.92
N SER A 363 -23.48 -2.55 -11.82
CA SER A 363 -24.63 -3.43 -11.56
C SER A 363 -24.99 -3.42 -10.09
N ASP A 364 -26.21 -3.85 -9.78
CA ASP A 364 -26.63 -4.04 -8.38
C ASP A 364 -25.75 -5.07 -7.68
N LYS A 365 -25.34 -6.10 -8.41
CA LYS A 365 -24.46 -7.15 -7.86
C LYS A 365 -23.21 -6.51 -7.28
N ASN A 366 -22.45 -5.84 -8.13
CA ASN A 366 -21.19 -5.24 -7.70
C ASN A 366 -21.39 -4.06 -6.71
N MET A 367 -22.53 -3.39 -6.82
CA MET A 367 -22.89 -2.28 -5.94
C MET A 367 -23.09 -2.76 -4.50
N ILE A 368 -23.85 -3.84 -4.35
CA ILE A 368 -24.06 -4.49 -3.05
C ILE A 368 -22.74 -5.09 -2.55
N ALA A 369 -21.98 -5.69 -3.46
CA ALA A 369 -20.70 -6.29 -3.12
C ALA A 369 -19.77 -5.28 -2.45
N ARG A 370 -19.66 -4.08 -3.02
CA ARG A 370 -18.82 -3.03 -2.44
C ARG A 370 -19.40 -2.46 -1.17
N LEU A 371 -20.72 -2.28 -1.12
CA LEU A 371 -21.37 -1.82 0.09
C LEU A 371 -21.03 -2.73 1.26
N ASN A 372 -21.30 -4.02 1.09
CA ASN A 372 -21.09 -5.03 2.14
C ASN A 372 -19.61 -5.26 2.45
N GLY A 373 -18.80 -5.36 1.41
CA GLY A 373 -17.40 -5.76 1.58
C GLY A 373 -16.48 -4.67 2.09
N GLU A 374 -16.70 -3.44 1.64
CA GLU A 374 -15.79 -2.36 1.96
C GLU A 374 -16.42 -1.44 2.99
N LEU A 375 -17.59 -0.88 2.68
CA LEU A 375 -18.24 0.05 3.59
C LEU A 375 -18.70 -0.59 4.89
N ALA A 376 -19.35 -1.75 4.81
CA ALA A 376 -19.87 -2.41 6.01
C ALA A 376 -18.79 -3.23 6.72
N ASP A 377 -18.22 -4.20 6.01
CA ASP A 377 -17.30 -5.16 6.63
C ASP A 377 -15.97 -4.55 7.03
N THR A 378 -15.43 -3.65 6.18
CA THR A 378 -14.12 -3.08 6.42
C THR A 378 -14.27 -1.85 7.31
N LEU A 379 -15.02 -0.85 6.88
CA LEU A 379 -15.11 0.43 7.60
C LEU A 379 -16.09 0.36 8.78
N GLY A 380 -17.31 -0.09 8.48
CA GLY A 380 -18.39 -0.08 9.46
C GLY A 380 -18.08 -0.92 10.67
N ASN A 381 -17.69 -2.17 10.42
CA ASN A 381 -17.38 -3.12 11.49
C ASN A 381 -16.26 -2.60 12.39
N LEU A 382 -15.29 -1.94 11.78
CA LEU A 382 -14.14 -1.40 12.50
C LEU A 382 -14.54 -0.29 13.46
N VAL A 383 -15.47 0.55 13.02
CA VAL A 383 -15.99 1.65 13.83
C VAL A 383 -16.74 1.10 15.04
N MET A 384 -17.50 0.02 14.84
CA MET A 384 -18.25 -0.61 15.93
C MET A 384 -17.32 -1.35 16.90
N ARG A 385 -16.23 -1.93 16.38
CA ARG A 385 -15.24 -2.60 17.23
C ARG A 385 -14.61 -1.63 18.24
N CYS A 386 -14.13 -0.48 17.76
CA CYS A 386 -13.40 0.42 18.62
C CYS A 386 -14.29 1.27 19.53
N THR A 387 -15.61 1.21 19.32
CA THR A 387 -16.59 1.90 20.17
C THR A 387 -17.45 0.98 21.04
N SER A 388 -17.38 -0.33 20.80
CA SER A 388 -18.19 -1.30 21.54
C SER A 388 -17.95 -1.22 23.05
N ALA A 389 -19.02 -1.23 23.83
CA ALA A 389 -18.91 -1.26 25.29
C ALA A 389 -18.15 -2.49 25.79
N LYS A 390 -18.21 -3.57 25.02
CA LYS A 390 -17.47 -4.79 25.31
C LYS A 390 -15.95 -4.54 25.28
N ILE A 391 -15.48 -3.91 24.22
CA ILE A 391 -14.04 -3.69 24.01
C ILE A 391 -13.60 -2.39 24.69
N ASN A 392 -14.29 -1.30 24.33
CA ASN A 392 -14.05 0.00 24.92
C ASN A 392 -14.97 0.20 26.13
N VAL A 393 -14.54 -0.30 27.28
CA VAL A 393 -15.42 -0.36 28.45
C VAL A 393 -15.67 1.01 29.05
N ASN A 394 -14.70 1.90 28.95
CA ASN A 394 -14.82 3.23 29.53
C ASN A 394 -15.48 4.26 28.61
N GLY A 395 -15.61 3.95 27.33
CA GLY A 395 -16.22 4.86 26.37
C GLY A 395 -15.41 6.14 26.34
N GLU A 396 -14.15 6.00 25.96
CA GLU A 396 -13.23 7.13 25.90
C GLU A 396 -12.01 6.74 25.12
N TRP A 397 -11.25 7.72 24.65
CA TRP A 397 -9.95 7.46 24.03
C TRP A 397 -8.98 7.12 25.15
N PRO A 398 -8.43 5.90 25.17
CA PRO A 398 -7.51 5.61 26.24
C PRO A 398 -6.14 6.20 25.97
N SER A 399 -5.33 6.28 27.01
CA SER A 399 -3.96 6.74 26.91
C SER A 399 -3.05 5.53 26.59
N PRO A 400 -2.31 5.58 25.49
CA PRO A 400 -1.55 4.38 25.09
C PRO A 400 -0.37 4.10 26.01
N ALA A 401 -0.05 2.83 26.17
CA ALA A 401 1.19 2.41 26.84
C ALA A 401 2.31 2.37 25.79
N ALA A 402 3.37 1.62 26.07
CA ALA A 402 4.48 1.48 25.12
C ALA A 402 4.04 0.80 23.82
N TYR A 403 4.70 1.15 22.72
CA TYR A 403 4.37 0.60 21.40
C TYR A 403 5.31 -0.54 21.00
N THR A 404 4.76 -1.63 20.49
CA THR A 404 5.56 -2.67 19.83
C THR A 404 6.01 -2.22 18.43
N GLU A 405 6.88 -3.00 17.80
CA GLU A 405 7.22 -2.77 16.38
C GLU A 405 6.02 -2.92 15.46
N GLU A 406 5.14 -3.88 15.77
CA GLU A 406 3.90 -4.02 15.02
C GLU A 406 3.01 -2.79 15.20
N ASP A 407 2.86 -2.33 16.44
CA ASP A 407 2.15 -1.07 16.68
C ASP A 407 2.75 0.01 15.77
N GLU A 408 4.06 0.16 15.80
CA GLU A 408 4.72 1.23 15.03
C GLU A 408 4.57 1.10 13.51
N SER A 409 4.39 -0.13 13.01
CA SER A 409 4.23 -0.35 11.57
C SER A 409 2.87 0.12 11.09
N LEU A 410 1.84 -0.06 11.91
CA LEU A 410 0.50 0.44 11.59
C LEU A 410 0.46 1.96 11.68
N ILE A 411 1.08 2.50 12.73
CA ILE A 411 1.17 3.96 12.95
C ILE A 411 1.87 4.64 11.77
N GLN A 412 2.92 4.01 11.26
CA GLN A 412 3.62 4.56 10.13
C GLN A 412 2.68 4.73 8.96
N LEU A 413 1.83 3.72 8.71
CA LEU A 413 0.86 3.76 7.62
C LEU A 413 -0.17 4.87 7.80
N ILE A 414 -0.66 5.00 9.03
CA ILE A 414 -1.62 6.04 9.35
C ILE A 414 -0.97 7.40 9.17
N LYS A 415 0.29 7.54 9.57
CA LYS A 415 1.00 8.80 9.43
C LYS A 415 1.29 9.15 7.97
N ASP A 416 1.62 8.14 7.17
CA ASP A 416 1.91 8.39 5.76
C ASP A 416 0.66 8.62 4.92
N LEU A 417 -0.49 8.19 5.41
CA LEU A 417 -1.71 8.21 4.60
C LEU A 417 -2.10 9.59 4.08
N PRO A 418 -2.08 10.63 4.95
CA PRO A 418 -2.50 11.94 4.49
C PRO A 418 -1.69 12.48 3.31
N GLY A 419 -0.38 12.31 3.36
CA GLY A 419 0.47 12.83 2.29
C GLY A 419 0.21 12.14 0.96
N THR A 420 -0.03 10.85 1.05
CA THR A 420 -0.31 10.01 -0.10
C THR A 420 -1.66 10.40 -0.71
N ALA A 421 -2.67 10.43 0.15
CA ALA A 421 -4.03 10.80 -0.26
C ALA A 421 -4.09 12.22 -0.80
N ASP A 422 -3.36 13.12 -0.16
CA ASP A 422 -3.26 14.51 -0.63
C ASP A 422 -2.82 14.55 -2.10
N HIS A 423 -1.72 13.90 -2.41
CA HIS A 423 -1.25 13.88 -3.79
C HIS A 423 -2.33 13.37 -4.75
N TYR A 424 -2.99 12.27 -4.37
CA TYR A 424 -4.01 11.68 -5.24
C TYR A 424 -5.14 12.65 -5.46
N TYR A 425 -5.70 13.17 -4.37
CA TYR A 425 -6.72 14.21 -4.48
C TYR A 425 -6.31 15.36 -5.41
N LEU A 426 -5.04 15.74 -5.41
CA LEU A 426 -4.59 16.87 -6.21
C LEU A 426 -4.35 16.60 -7.69
N ILE A 427 -4.25 15.32 -8.06
CA ILE A 427 -3.91 14.96 -9.45
C ILE A 427 -4.87 15.55 -10.49
N PRO A 428 -6.18 15.33 -10.37
CA PRO A 428 -6.84 14.58 -9.29
C PRO A 428 -7.24 13.19 -9.72
N ASP A 429 -7.14 12.23 -8.79
CA ASP A 429 -7.51 10.85 -9.05
C ASP A 429 -8.20 10.37 -7.78
N ILE A 430 -9.50 10.59 -7.71
CA ILE A 430 -10.27 10.30 -6.51
C ILE A 430 -10.37 8.80 -6.22
N GLN A 431 -10.36 7.98 -7.26
CA GLN A 431 -10.35 6.53 -7.08
C GLN A 431 -9.11 6.05 -6.32
N LYS A 432 -7.94 6.56 -6.68
CA LYS A 432 -6.70 6.14 -6.02
C LYS A 432 -6.63 6.66 -4.59
N ALA A 433 -7.26 7.80 -4.32
CA ALA A 433 -7.29 8.32 -2.95
C ALA A 433 -8.15 7.41 -2.06
N ILE A 434 -9.26 6.94 -2.61
CA ILE A 434 -10.11 6.00 -1.87
C ILE A 434 -9.35 4.70 -1.64
N ILE A 435 -8.73 4.17 -2.68
CA ILE A 435 -8.01 2.91 -2.57
C ILE A 435 -6.93 2.98 -1.51
N ALA A 436 -6.31 4.13 -1.38
CA ALA A 436 -5.20 4.31 -0.45
C ALA A 436 -5.69 4.34 0.98
N VAL A 437 -6.82 4.98 1.21
CA VAL A 437 -7.39 4.99 2.53
C VAL A 437 -7.81 3.57 2.91
N PHE A 438 -8.47 2.89 2.00
CA PHE A 438 -8.99 1.59 2.33
C PHE A 438 -7.89 0.55 2.54
N ASP A 439 -6.74 0.76 1.92
CA ASP A 439 -5.58 -0.08 2.18
C ASP A 439 -5.17 0.06 3.63
N VAL A 440 -5.27 1.27 4.17
CA VAL A 440 -4.96 1.47 5.58
C VAL A 440 -6.06 0.90 6.46
N LEU A 441 -7.31 0.99 6.02
CA LEU A 441 -8.40 0.40 6.79
C LEU A 441 -8.25 -1.13 6.84
N ARG A 442 -7.94 -1.74 5.71
CA ARG A 442 -7.67 -3.19 5.67
C ARG A 442 -6.57 -3.55 6.66
N ALA A 443 -5.54 -2.72 6.73
CA ALA A 443 -4.43 -2.95 7.66
C ALA A 443 -4.86 -2.88 9.13
N ILE A 444 -5.68 -1.89 9.46
CA ILE A 444 -6.13 -1.70 10.83
C ILE A 444 -6.95 -2.90 11.25
N ASN A 445 -7.80 -3.40 10.37
CA ASN A 445 -8.61 -4.58 10.67
C ASN A 445 -7.77 -5.81 10.97
N ALA A 446 -6.75 -6.03 10.14
CA ALA A 446 -5.80 -7.13 10.31
C ALA A 446 -5.11 -7.01 11.67
N TYR A 447 -4.60 -5.82 11.94
CA TYR A 447 -3.99 -5.51 13.23
C TYR A 447 -4.94 -5.87 14.38
N VAL A 448 -6.18 -5.41 14.30
CA VAL A 448 -7.18 -5.67 15.33
C VAL A 448 -7.42 -7.16 15.45
N THR A 449 -7.54 -7.85 14.31
CA THR A 449 -7.71 -9.30 14.34
C THR A 449 -6.51 -9.98 15.03
N ASP A 450 -5.30 -9.52 14.74
CA ASP A 450 -4.10 -10.07 15.37
C ASP A 450 -4.07 -9.80 16.87
N MET A 451 -4.45 -8.58 17.28
CA MET A 451 -4.34 -8.18 18.68
C MET A 451 -5.49 -8.70 19.52
N ALA A 452 -6.66 -8.86 18.89
CA ALA A 452 -7.82 -9.49 19.54
C ALA A 452 -8.18 -8.79 20.84
N PRO A 453 -8.51 -7.48 20.77
CA PRO A 453 -8.75 -6.68 21.97
C PRO A 453 -9.89 -7.20 22.85
N TRP A 454 -10.85 -7.86 22.24
CA TRP A 454 -11.92 -8.54 22.99
C TRP A 454 -11.36 -9.50 24.05
N LYS A 455 -10.30 -10.24 23.72
CA LYS A 455 -9.60 -11.08 24.71
C LYS A 455 -8.83 -10.23 25.73
N LEU A 456 -8.20 -9.16 25.25
CA LEU A 456 -7.34 -8.32 26.10
C LEU A 456 -8.05 -7.65 27.26
N VAL A 457 -9.35 -7.43 27.17
CA VAL A 457 -10.08 -6.78 28.26
C VAL A 457 -9.89 -7.58 29.54
N LYS A 458 -9.94 -8.92 29.43
CA LYS A 458 -9.71 -9.80 30.56
C LYS A 458 -8.21 -9.99 30.86
N THR A 459 -7.40 -10.21 29.83
CA THR A 459 -5.99 -10.62 30.02
C THR A 459 -5.02 -9.48 30.36
N ASP A 460 -5.05 -8.42 29.58
CA ASP A 460 -3.99 -7.40 29.61
C ASP A 460 -4.55 -6.01 29.35
N PRO A 461 -5.15 -5.38 30.36
CA PRO A 461 -5.76 -4.07 30.19
C PRO A 461 -4.78 -2.99 29.73
N GLU A 462 -3.53 -3.07 30.16
CA GLU A 462 -2.51 -2.09 29.76
C GLU A 462 -2.27 -2.18 28.27
N ARG A 463 -2.18 -3.40 27.76
CA ARG A 463 -2.02 -3.63 26.33
C ARG A 463 -3.21 -3.10 25.52
N LEU A 464 -4.42 -3.34 26.02
CA LEU A 464 -5.64 -2.87 25.35
C LEU A 464 -5.63 -1.36 25.14
N ARG A 465 -5.24 -0.61 26.17
CA ARG A 465 -5.12 0.85 26.06
C ARG A 465 -4.39 1.23 24.78
N THR A 466 -3.24 0.60 24.56
CA THR A 466 -2.40 0.87 23.41
C THR A 466 -3.08 0.51 22.07
N VAL A 467 -3.69 -0.68 22.05
CA VAL A 467 -4.34 -1.19 20.84
C VAL A 467 -5.52 -0.33 20.46
N LEU A 468 -6.36 -0.06 21.44
CA LEU A 468 -7.57 0.69 21.23
C LEU A 468 -7.26 2.06 20.67
N TYR A 469 -6.29 2.74 21.29
CA TYR A 469 -5.94 4.11 20.89
C TYR A 469 -5.50 4.18 19.43
N ILE A 470 -4.61 3.29 19.03
CA ILE A 470 -4.14 3.21 17.66
C ILE A 470 -5.31 2.96 16.71
N THR A 471 -6.18 2.05 17.09
CA THR A 471 -7.35 1.72 16.29
C THR A 471 -8.25 2.95 16.12
N LEU A 472 -8.55 3.66 17.21
CA LEU A 472 -9.36 4.86 17.14
C LEU A 472 -8.73 5.93 16.27
N GLU A 473 -7.42 6.15 16.44
CA GLU A 473 -6.75 7.18 15.67
C GLU A 473 -6.69 6.81 14.19
N GLY A 474 -6.49 5.52 13.91
CA GLY A 474 -6.57 5.01 12.54
C GLY A 474 -7.93 5.26 11.92
N VAL A 475 -8.98 4.97 12.67
CA VAL A 475 -10.34 5.21 12.19
C VAL A 475 -10.59 6.69 11.94
N ARG A 476 -10.12 7.55 12.84
CA ARG A 476 -10.33 8.99 12.71
C ARG A 476 -9.67 9.55 11.45
N VAL A 477 -8.39 9.24 11.26
CA VAL A 477 -7.62 9.80 10.16
C VAL A 477 -8.14 9.29 8.82
N THR A 478 -8.42 7.99 8.74
CA THR A 478 -9.04 7.44 7.53
C THR A 478 -10.37 8.14 7.24
N THR A 479 -11.18 8.31 8.28
CA THR A 479 -12.50 8.93 8.15
C THR A 479 -12.39 10.39 7.72
N LEU A 480 -11.43 11.12 8.30
CA LEU A 480 -11.19 12.51 7.90
C LEU A 480 -10.92 12.59 6.41
N LEU A 481 -10.01 11.74 5.94
CA LEU A 481 -9.64 11.74 4.52
C LEU A 481 -10.73 11.18 3.61
N LEU A 482 -11.66 10.43 4.18
CA LEU A 482 -12.84 9.98 3.46
C LEU A 482 -14.03 10.92 3.58
N SER A 483 -13.91 11.99 4.37
CA SER A 483 -15.07 12.86 4.61
C SER A 483 -15.64 13.56 3.37
N PRO A 484 -14.79 13.86 2.35
CA PRO A 484 -15.34 14.38 1.09
C PRO A 484 -16.15 13.34 0.27
N ILE A 485 -15.83 12.06 0.43
CA ILE A 485 -16.53 10.97 -0.26
C ILE A 485 -17.81 10.56 0.51
N LEU A 486 -17.74 10.57 1.84
CA LEU A 486 -18.84 10.16 2.68
C LEU A 486 -19.15 11.31 3.64
N PRO A 487 -19.72 12.41 3.12
CA PRO A 487 -19.89 13.62 3.92
C PRO A 487 -20.84 13.52 5.13
N ARG A 488 -21.90 12.71 5.01
CA ARG A 488 -22.85 12.52 6.11
C ARG A 488 -22.38 11.43 7.07
N LYS A 489 -21.80 10.37 6.52
CA LYS A 489 -21.38 9.24 7.33
C LYS A 489 -20.13 9.55 8.12
N SER A 490 -19.26 10.39 7.56
CA SER A 490 -18.08 10.85 8.28
C SER A 490 -18.50 11.54 9.59
N VAL A 491 -19.57 12.33 9.51
CA VAL A 491 -20.05 13.07 10.67
C VAL A 491 -20.56 12.10 11.73
N VAL A 492 -21.38 11.14 11.30
CA VAL A 492 -21.89 10.12 12.20
C VAL A 492 -20.73 9.38 12.84
N ILE A 493 -19.72 9.05 12.05
CA ILE A 493 -18.56 8.33 12.57
C ILE A 493 -17.87 9.18 13.61
N PHE A 494 -17.62 10.44 13.30
CA PHE A 494 -16.98 11.32 14.24
C PHE A 494 -17.81 11.45 15.52
N ASP A 495 -19.13 11.56 15.39
CA ASP A 495 -20.02 11.64 16.56
C ASP A 495 -19.88 10.42 17.48
N MET A 496 -19.71 9.24 16.90
CA MET A 496 -19.47 8.04 17.68
C MET A 496 -18.15 8.12 18.43
N LEU A 497 -17.09 8.46 17.70
CA LEU A 497 -15.76 8.60 18.27
C LEU A 497 -15.65 9.76 19.27
N GLY A 498 -16.64 10.66 19.27
CA GLY A 498 -16.60 11.81 20.15
C GLY A 498 -15.53 12.82 19.74
N VAL A 499 -15.17 12.87 18.47
CA VAL A 499 -14.18 13.82 17.98
C VAL A 499 -14.79 15.21 17.98
N PRO A 500 -14.20 16.15 18.75
CA PRO A 500 -14.70 17.54 18.72
C PRO A 500 -14.71 18.13 17.31
N GLU A 501 -15.63 19.05 17.06
CA GLU A 501 -15.80 19.69 15.74
C GLU A 501 -14.49 20.25 15.18
N VAL A 502 -13.76 20.99 16.02
CA VAL A 502 -12.53 21.65 15.59
C VAL A 502 -11.52 20.66 14.99
N HIS A 503 -11.58 19.40 15.42
CA HIS A 503 -10.67 18.37 14.92
C HIS A 503 -11.16 17.67 13.66
N ARG A 504 -12.28 18.12 13.09
CA ARG A 504 -12.85 17.47 11.90
C ARG A 504 -12.45 18.09 10.57
N LYS A 505 -11.70 19.18 10.65
CA LYS A 505 -11.30 19.97 9.50
C LYS A 505 -9.88 20.43 9.76
N GLY A 506 -9.17 20.81 8.71
CA GLY A 506 -7.87 21.46 8.86
C GLY A 506 -6.70 20.50 8.82
N ILE A 507 -5.65 20.90 8.09
CA ILE A 507 -4.48 20.03 7.91
C ILE A 507 -3.78 19.69 9.21
N GLU A 508 -3.95 20.54 10.22
CA GLU A 508 -3.41 20.26 11.55
C GLU A 508 -3.88 18.93 12.08
N ASN A 509 -5.08 18.53 11.69
CA ASN A 509 -5.66 17.30 12.20
C ASN A 509 -5.51 16.08 11.28
N PHE A 510 -4.70 16.24 10.23
CA PHE A 510 -4.20 15.11 9.46
C PHE A 510 -3.14 14.36 10.29
N GLU A 511 -2.51 15.06 11.23
CA GLU A 511 -1.45 14.48 12.07
C GLU A 511 -1.95 13.44 13.05
N PHE A 512 -1.14 12.40 13.24
CA PHE A 512 -1.43 11.36 14.20
C PHE A 512 -1.42 11.94 15.61
N GLY A 513 -2.46 11.63 16.38
CA GLY A 513 -2.53 12.03 17.78
C GLY A 513 -3.20 13.36 18.06
N ALA A 514 -3.92 13.90 17.08
CA ALA A 514 -4.53 15.23 17.21
C ALA A 514 -5.63 15.27 18.27
N VAL A 515 -6.27 14.12 18.50
CA VAL A 515 -7.30 14.02 19.51
C VAL A 515 -6.69 13.41 20.77
N PRO A 516 -6.76 14.14 21.90
CA PRO A 516 -6.09 13.68 23.10
C PRO A 516 -6.79 12.50 23.80
N PRO A 517 -6.01 11.67 24.52
CA PRO A 517 -6.62 10.67 25.40
C PRO A 517 -7.52 11.31 26.46
N GLY A 518 -8.53 10.56 26.89
CA GLY A 518 -9.54 11.07 27.80
C GLY A 518 -10.75 11.67 27.10
N THR A 519 -10.64 11.92 25.79
CA THR A 519 -11.78 12.36 25.00
C THR A 519 -12.87 11.30 25.07
N ARG A 520 -14.09 11.73 25.33
CA ARG A 520 -15.18 10.80 25.61
C ARG A 520 -15.92 10.47 24.32
N LEU A 521 -16.38 9.23 24.20
CA LEU A 521 -17.13 8.79 23.04
C LEU A 521 -18.53 9.40 23.08
N GLY A 522 -19.14 9.55 21.91
CA GLY A 522 -20.51 10.02 21.83
C GLY A 522 -21.46 8.88 22.19
N PRO A 523 -22.68 9.22 22.62
CA PRO A 523 -23.64 8.20 23.05
C PRO A 523 -24.04 7.21 21.95
N ALA A 524 -24.71 6.13 22.35
CA ALA A 524 -25.18 5.09 21.42
C ALA A 524 -26.69 5.18 21.24
N VAL A 525 -27.20 4.71 20.10
CA VAL A 525 -28.65 4.55 19.87
C VAL A 525 -29.01 3.09 19.56
N GLU A 528 -28.59 0.95 15.99
CA GLU A 528 -27.64 1.87 15.35
C GLU A 528 -26.51 1.15 14.62
N VAL A 529 -26.73 0.90 13.33
CA VAL A 529 -25.69 0.34 12.45
C VAL A 529 -25.32 1.42 11.44
N LEU A 530 -24.05 1.46 11.05
CA LEU A 530 -23.51 2.53 10.20
C LEU A 530 -23.90 2.34 8.73
N PHE A 531 -23.49 1.21 8.15
CA PHE A 531 -23.93 0.78 6.83
C PHE A 531 -24.55 -0.61 6.96
N SER A 532 -25.84 -0.72 6.71
CA SER A 532 -26.53 -2.01 6.77
C SER A 532 -26.23 -2.80 5.50
N LYS A 533 -25.96 -4.10 5.66
CA LYS A 533 -25.68 -4.98 4.53
C LYS A 533 -27.00 -5.37 3.85
N ARG A 534 -26.90 -5.97 2.67
CA ARG A 534 -28.10 -6.34 1.91
C ARG A 534 -28.00 -7.70 1.23
N SER A 535 -29.17 -8.27 0.91
CA SER A 535 -29.28 -9.56 0.23
C SER A 535 -28.71 -9.52 -1.19
N THR A 536 -28.26 -10.68 -1.65
CA THR A 536 -27.69 -10.81 -3.00
C THR A 536 -28.78 -11.20 -4.02
N GLY B 1 7.63 8.33 6.35
CA GLY B 1 8.60 8.95 7.28
C GLY B 1 9.82 8.07 7.43
N PRO B 2 10.80 8.51 8.23
CA PRO B 2 12.04 7.75 8.45
C PRO B 2 11.82 6.41 9.15
N GLY B 3 12.62 5.41 8.79
CA GLY B 3 12.66 4.14 9.54
C GLY B 3 13.32 4.29 10.91
N SER B 4 13.54 3.18 11.60
CA SER B 4 14.27 3.22 12.88
C SER B 4 15.76 3.35 12.61
N MET B 5 16.48 3.97 13.54
CA MET B 5 17.89 4.20 13.33
C MET B 5 18.65 2.93 13.57
N LYS B 6 19.92 2.93 13.18
CA LYS B 6 20.76 1.75 13.30
C LYS B 6 20.98 1.36 14.77
N VAL B 7 21.01 0.07 15.07
CA VAL B 7 21.44 -0.36 16.40
C VAL B 7 22.92 0.00 16.60
N GLU B 8 23.25 0.34 17.84
CA GLU B 8 24.61 0.66 18.22
C GLU B 8 25.43 -0.61 18.50
N LYS B 9 24.78 -1.66 19.02
CA LYS B 9 25.43 -2.98 19.18
C LYS B 9 25.55 -3.76 17.86
N VAL B 10 26.13 -4.96 17.94
CA VAL B 10 26.16 -5.87 16.82
C VAL B 10 24.83 -6.57 16.76
N PHE B 11 24.13 -6.46 15.63
CA PHE B 11 22.85 -7.13 15.49
C PHE B 11 23.08 -8.62 15.42
N PHE B 12 22.51 -9.32 16.39
CA PHE B 12 22.75 -10.72 16.63
C PHE B 12 21.46 -11.46 16.34
N VAL B 13 21.49 -12.28 15.29
CA VAL B 13 20.32 -13.06 14.89
C VAL B 13 20.69 -14.54 14.77
N THR B 14 19.81 -15.42 15.22
CA THR B 14 20.12 -16.84 15.30
C THR B 14 19.06 -17.70 14.61
N SER B 15 19.49 -18.90 14.21
CA SER B 15 18.57 -19.97 13.87
C SER B 15 18.63 -20.96 15.03
N PRO B 16 17.74 -21.94 15.05
CA PRO B 16 17.92 -23.01 16.02
C PRO B 16 19.10 -23.83 15.59
N ILE B 17 19.72 -24.56 16.52
CA ILE B 17 20.71 -25.58 16.15
C ILE B 17 19.99 -26.91 16.01
N TYR B 18 20.29 -27.62 14.94
CA TYR B 18 19.46 -28.73 14.50
C TYR B 18 20.08 -30.07 14.92
N TYR B 19 19.21 -30.99 15.31
CA TYR B 19 19.61 -32.33 15.74
C TYR B 19 20.22 -33.04 14.51
N VAL B 20 21.32 -33.78 14.72
CA VAL B 20 22.06 -34.40 13.61
C VAL B 20 21.76 -35.89 13.45
N ASN B 21 20.63 -36.34 13.97
CA ASN B 21 20.14 -37.71 13.77
C ASN B 21 19.39 -37.87 12.43
N ALA B 22 19.25 -36.78 11.68
CA ALA B 22 18.60 -36.80 10.36
C ALA B 22 19.36 -35.87 9.41
N ALA B 23 19.51 -36.27 8.14
CA ALA B 23 20.10 -35.40 7.12
C ALA B 23 19.22 -34.16 6.99
N PRO B 24 19.80 -33.03 6.53
CA PRO B 24 19.02 -31.79 6.39
C PRO B 24 17.86 -31.85 5.38
N HIS B 25 16.76 -31.17 5.71
CA HIS B 25 15.57 -31.02 4.86
C HIS B 25 15.00 -29.58 4.96
N ILE B 26 13.91 -29.35 4.23
CA ILE B 26 13.29 -28.02 4.10
C ILE B 26 13.10 -27.26 5.42
N GLY B 27 12.62 -27.94 6.46
CA GLY B 27 12.50 -27.32 7.79
C GLY B 27 13.70 -26.54 8.28
N HIS B 28 14.89 -27.12 8.17
CA HIS B 28 16.11 -26.46 8.64
C HIS B 28 16.47 -25.33 7.68
N VAL B 29 16.29 -25.61 6.39
CA VAL B 29 16.57 -24.64 5.35
C VAL B 29 15.75 -23.36 5.55
N TYR B 30 14.45 -23.53 5.74
CA TYR B 30 13.53 -22.41 5.95
C TYR B 30 13.91 -21.61 7.19
N SER B 31 14.10 -22.28 8.32
CA SER B 31 14.51 -21.59 9.55
C SER B 31 15.75 -20.75 9.32
N THR B 32 16.76 -21.38 8.72
CA THR B 32 18.03 -20.72 8.46
C THR B 32 17.92 -19.63 7.39
N LEU B 33 16.99 -19.78 6.44
CA LEU B 33 16.72 -18.74 5.43
C LEU B 33 16.20 -17.45 6.07
N ILE B 34 15.23 -17.62 6.96
CA ILE B 34 14.66 -16.50 7.71
C ILE B 34 15.74 -15.80 8.52
N THR B 35 16.60 -16.59 9.14
CA THR B 35 17.73 -16.05 9.91
C THR B 35 18.63 -15.24 8.98
N ASP B 36 18.93 -15.84 7.84
CA ASP B 36 19.80 -15.22 6.87
C ASP B 36 19.23 -13.91 6.35
N VAL B 37 17.94 -13.90 6.05
CA VAL B 37 17.32 -12.71 5.47
C VAL B 37 17.38 -11.55 6.46
N ILE B 38 17.06 -11.85 7.71
CA ILE B 38 17.10 -10.83 8.75
C ILE B 38 18.51 -10.28 8.84
N GLY B 39 19.47 -11.18 8.91
CA GLY B 39 20.86 -10.81 8.96
C GLY B 39 21.23 -9.90 7.83
N ARG B 40 20.89 -10.33 6.63
CA ARG B 40 21.21 -9.59 5.42
C ARG B 40 20.57 -8.20 5.42
N TYR B 41 19.32 -8.10 5.87
CA TYR B 41 18.67 -6.78 5.92
C TYR B 41 19.47 -5.82 6.80
N HIS B 42 19.85 -6.26 7.99
CA HIS B 42 20.57 -5.37 8.89
C HIS B 42 21.98 -5.02 8.40
N ARG B 43 22.58 -5.91 7.59
CA ARG B 43 23.81 -5.55 6.90
C ARG B 43 23.56 -4.49 5.84
N VAL B 44 22.45 -4.62 5.13
CA VAL B 44 22.06 -3.64 4.13
C VAL B 44 21.79 -2.27 4.78
N LYS B 45 21.22 -2.29 5.99
CA LYS B 45 20.96 -1.08 6.74
C LYS B 45 22.26 -0.39 7.14
N GLY B 46 23.34 -1.17 7.18
CA GLY B 46 24.68 -0.65 7.49
C GLY B 46 25.07 -0.95 8.92
N GLU B 47 24.40 -1.93 9.52
CA GLU B 47 24.67 -2.33 10.87
C GLU B 47 25.66 -3.47 10.86
N ARG B 48 26.35 -3.61 11.99
CA ARG B 48 27.19 -4.76 12.24
C ARG B 48 26.29 -5.97 12.53
N VAL B 49 26.63 -7.11 11.94
CA VAL B 49 25.81 -8.31 12.10
C VAL B 49 26.61 -9.55 12.46
N PHE B 50 25.98 -10.38 13.27
CA PHE B 50 26.45 -11.72 13.52
C PHE B 50 25.25 -12.66 13.45
N ALA B 51 25.16 -13.43 12.38
CA ALA B 51 24.12 -14.43 12.23
C ALA B 51 24.71 -15.79 12.57
N LEU B 52 23.91 -16.61 13.25
CA LEU B 52 24.40 -17.85 13.83
C LEU B 52 23.46 -18.99 13.48
N THR B 53 24.03 -20.10 13.03
CA THR B 53 23.28 -21.33 12.83
C THR B 53 24.16 -22.47 13.33
N GLY B 54 23.64 -23.69 13.40
CA GLY B 54 24.47 -24.79 13.86
C GLY B 54 23.79 -26.13 14.04
N THR B 55 24.50 -27.03 14.71
CA THR B 55 24.04 -28.40 14.97
C THR B 55 24.06 -28.78 16.46
N ASP B 56 23.06 -29.55 16.83
CA ASP B 56 22.83 -29.99 18.19
C ASP B 56 23.22 -31.47 18.23
N GLU B 57 24.43 -31.77 18.69
CA GLU B 57 25.08 -33.07 18.39
C GLU B 57 25.09 -34.14 19.49
N HIS B 58 24.85 -33.75 20.74
CA HIS B 58 24.78 -34.73 21.84
C HIS B 58 23.43 -35.43 21.93
N GLY B 59 23.35 -36.47 22.76
CA GLY B 59 22.08 -37.09 23.11
C GLY B 59 21.92 -38.57 22.84
N GLN B 60 20.85 -39.13 23.39
CA GLN B 60 20.56 -40.57 23.31
C GLN B 60 20.21 -41.04 21.89
N LYS B 61 19.42 -40.24 21.18
CA LYS B 61 18.98 -40.63 19.83
C LYS B 61 20.15 -40.57 18.85
N VAL B 62 21.02 -39.57 18.98
CA VAL B 62 22.19 -39.40 18.10
C VAL B 62 23.23 -40.51 18.34
N ALA B 63 23.41 -40.90 19.60
CA ALA B 63 24.31 -42.01 19.94
C ALA B 63 23.81 -43.34 19.39
N GLU B 64 22.51 -43.56 19.49
CA GLU B 64 21.91 -44.81 19.01
C GLU B 64 21.84 -44.83 17.49
N ALA B 65 21.74 -43.66 16.87
CA ALA B 65 21.82 -43.54 15.42
C ALA B 65 23.22 -43.88 14.92
N ALA B 66 24.24 -43.52 15.70
CA ALA B 66 25.62 -43.78 15.34
C ALA B 66 25.99 -45.26 15.51
N LYS B 67 25.56 -45.88 16.60
CA LYS B 67 25.82 -47.31 16.81
C LYS B 67 25.10 -48.15 15.75
N GLN B 68 23.99 -47.64 15.24
CA GLN B 68 23.29 -48.27 14.11
C GLN B 68 24.15 -48.27 12.82
N LYS B 69 24.68 -47.10 12.46
CA LYS B 69 25.59 -46.98 11.31
C LYS B 69 27.00 -47.55 11.58
N GLN B 70 27.28 -47.92 12.83
CA GLN B 70 28.54 -48.58 13.24
C GLN B 70 29.76 -47.65 13.16
N VAL B 71 29.62 -46.45 13.70
CA VAL B 71 30.70 -45.46 13.72
C VAL B 71 30.68 -44.73 15.07
N SER B 72 31.83 -44.21 15.50
CA SER B 72 31.91 -43.47 16.76
C SER B 72 31.06 -42.19 16.71
N PRO B 73 30.27 -41.93 17.76
CA PRO B 73 29.44 -40.73 17.83
C PRO B 73 30.15 -39.49 17.30
N TYR B 74 31.42 -39.31 17.64
CA TYR B 74 32.23 -38.20 17.14
C TYR B 74 32.30 -38.14 15.59
N ASP B 75 32.55 -39.28 14.94
CA ASP B 75 32.59 -39.36 13.46
C ASP B 75 31.24 -39.06 12.84
N PHE B 76 30.21 -39.68 13.41
CA PHE B 76 28.85 -39.58 12.91
C PHE B 76 28.33 -38.14 12.91
N THR B 77 28.54 -37.46 14.02
CA THR B 77 28.11 -36.07 14.16
C THR B 77 28.89 -35.18 13.21
N THR B 78 30.19 -35.43 13.08
CA THR B 78 31.04 -34.65 12.18
C THR B 78 30.55 -34.77 10.74
N ALA B 79 30.22 -35.99 10.33
CA ALA B 79 29.73 -36.26 8.96
C ALA B 79 28.41 -35.54 8.66
N VAL B 80 27.43 -35.66 9.56
CA VAL B 80 26.11 -35.04 9.36
C VAL B 80 26.24 -33.54 9.42
N ALA B 81 27.02 -33.05 10.39
CA ALA B 81 27.32 -31.63 10.47
C ALA B 81 27.93 -31.10 9.17
N GLY B 82 28.76 -31.91 8.53
CA GLY B 82 29.29 -31.60 7.21
C GLY B 82 28.21 -31.48 6.16
N GLU B 83 27.23 -32.38 6.20
CA GLU B 83 26.07 -32.32 5.31
C GLU B 83 25.29 -31.03 5.53
N PHE B 84 25.12 -30.62 6.78
CA PHE B 84 24.41 -29.38 7.08
C PHE B 84 25.17 -28.16 6.51
N LYS B 85 26.49 -28.16 6.64
CA LYS B 85 27.30 -27.08 6.09
C LYS B 85 27.24 -27.05 4.56
N LYS B 86 27.37 -28.22 3.93
CA LYS B 86 27.23 -28.34 2.47
C LYS B 86 25.87 -27.80 2.00
N CYS B 87 24.79 -28.12 2.73
CA CYS B 87 23.42 -27.69 2.35
C CYS B 87 23.27 -26.19 2.44
N PHE B 88 23.85 -25.59 3.47
CA PHE B 88 23.74 -24.15 3.66
C PHE B 88 24.65 -23.37 2.73
N GLU B 89 25.75 -23.98 2.28
CA GLU B 89 26.58 -23.37 1.25
C GLU B 89 25.84 -23.42 -0.09
N GLN B 90 25.26 -24.57 -0.39
CA GLN B 90 24.46 -24.72 -1.62
C GLN B 90 23.35 -23.68 -1.75
N MET B 91 22.68 -23.44 -0.64
CA MET B 91 21.59 -22.46 -0.57
C MET B 91 22.04 -21.01 -0.64
N ASP B 92 23.35 -20.77 -0.50
CA ASP B 92 23.91 -19.45 -0.68
C ASP B 92 23.45 -18.51 0.44
N TYR B 93 23.50 -18.98 1.68
CA TYR B 93 23.26 -18.13 2.83
C TYR B 93 24.50 -17.30 3.12
N SER B 94 24.42 -16.42 4.11
CA SER B 94 25.54 -15.59 4.51
C SER B 94 25.61 -15.56 6.03
N ILE B 95 25.67 -16.76 6.61
CA ILE B 95 25.72 -16.93 8.04
C ILE B 95 27.14 -16.72 8.50
N ASP B 96 27.29 -15.96 9.58
CA ASP B 96 28.61 -15.56 10.04
C ASP B 96 29.37 -16.72 10.71
N TYR B 97 28.66 -17.59 11.43
CA TYR B 97 29.30 -18.71 12.12
C TYR B 97 28.39 -19.93 12.26
N PHE B 98 28.98 -21.11 12.08
CA PHE B 98 28.28 -22.38 12.22
C PHE B 98 28.81 -23.07 13.48
N ILE B 99 27.97 -23.17 14.50
CA ILE B 99 28.39 -23.69 15.80
C ILE B 99 28.00 -25.14 15.98
N ARG B 100 28.86 -25.87 16.69
CA ARG B 100 28.63 -27.26 17.01
C ARG B 100 28.77 -27.48 18.51
N THR B 101 27.80 -28.17 19.11
CA THR B 101 27.80 -28.38 20.56
C THR B 101 28.94 -29.27 21.01
N THR B 102 29.55 -30.01 20.07
CA THR B 102 30.75 -30.78 20.37
C THR B 102 32.00 -29.92 20.57
N ASN B 103 31.93 -28.65 20.17
CA ASN B 103 33.06 -27.74 20.29
C ASN B 103 33.47 -27.55 21.77
N GLU B 104 34.77 -27.62 22.04
CA GLU B 104 35.28 -27.59 23.43
C GLU B 104 34.96 -26.24 24.11
N GLN B 105 34.92 -25.16 23.32
CA GLN B 105 34.59 -23.82 23.86
C GLN B 105 33.14 -23.74 24.29
N HIS B 106 32.25 -24.35 23.50
CA HIS B 106 30.85 -24.42 23.87
C HIS B 106 30.65 -25.16 25.20
N LYS B 107 31.37 -26.27 25.36
CA LYS B 107 31.27 -27.07 26.58
C LYS B 107 31.72 -26.27 27.80
N ALA B 108 32.75 -25.46 27.61
CA ALA B 108 33.25 -24.55 28.65
C ALA B 108 32.15 -23.60 29.12
N VAL B 109 31.48 -22.98 28.14
CA VAL B 109 30.41 -22.01 28.41
C VAL B 109 29.27 -22.71 29.17
N VAL B 110 28.89 -23.91 28.72
CA VAL B 110 27.82 -24.67 29.38
C VAL B 110 28.18 -24.92 30.84
N LYS B 111 29.45 -25.22 31.10
CA LYS B 111 29.89 -25.47 32.47
C LYS B 111 29.86 -24.19 33.32
N GLU B 112 30.21 -23.05 32.72
CA GLU B 112 30.14 -21.78 33.43
C GLU B 112 28.70 -21.51 33.81
N LEU B 113 27.81 -21.64 32.83
CA LEU B 113 26.39 -21.38 33.04
C LEU B 113 25.79 -22.34 34.07
N TRP B 114 26.06 -23.64 33.91
CA TRP B 114 25.61 -24.64 34.88
C TRP B 114 26.01 -24.24 36.30
N THR B 115 27.29 -23.90 36.45
CA THR B 115 27.83 -23.55 37.74
C THR B 115 27.18 -22.30 38.34
N LYS B 116 26.94 -21.29 37.51
CA LYS B 116 26.30 -20.07 37.97
C LYS B 116 24.93 -20.39 38.57
N LEU B 117 24.13 -21.12 37.80
CA LEU B 117 22.80 -21.54 38.23
C LEU B 117 22.81 -22.34 39.53
N GLU B 118 23.80 -23.21 39.68
CA GLU B 118 23.99 -24.02 40.88
C GLU B 118 24.38 -23.15 42.07
N GLN B 119 25.26 -22.17 41.85
CA GLN B 119 25.67 -21.23 42.90
C GLN B 119 24.53 -20.33 43.35
N LYS B 120 23.71 -19.90 42.40
CA LYS B 120 22.51 -19.15 42.72
C LYS B 120 21.48 -19.96 43.53
N GLY B 121 21.69 -21.26 43.66
CA GLY B 121 20.78 -22.12 44.40
C GLY B 121 19.58 -22.55 43.56
N ASP B 122 19.70 -22.44 42.24
CA ASP B 122 18.59 -22.72 41.33
C ASP B 122 18.67 -24.10 40.65
N ILE B 123 19.77 -24.82 40.88
CA ILE B 123 19.86 -26.23 40.52
C ILE B 123 20.20 -26.95 41.78
N TYR B 124 19.34 -27.89 42.16
CA TYR B 124 19.60 -28.66 43.34
C TYR B 124 19.65 -30.13 42.97
N LEU B 125 20.39 -30.90 43.75
CA LEU B 125 20.49 -32.32 43.51
C LEU B 125 19.36 -33.00 44.26
N GLY B 126 18.54 -33.74 43.53
CA GLY B 126 17.39 -34.41 44.12
C GLY B 126 17.39 -35.90 43.81
N ARG B 127 16.71 -36.67 44.64
CA ARG B 127 16.55 -38.11 44.45
C ARG B 127 15.11 -38.31 44.00
N TYR B 128 14.93 -38.87 42.80
CA TYR B 128 13.61 -39.11 42.24
C TYR B 128 13.32 -40.59 42.35
N GLU B 129 12.17 -40.92 42.94
CA GLU B 129 11.71 -42.29 43.10
C GLU B 129 10.32 -42.37 42.47
N GLY B 130 10.21 -43.05 41.33
CA GLY B 130 8.96 -43.08 40.57
C GLY B 130 9.12 -43.76 39.23
N TRP B 131 8.11 -43.61 38.38
CA TRP B 131 8.12 -44.25 37.06
C TRP B 131 8.92 -43.44 36.06
N TYR B 132 9.45 -44.15 35.07
CA TYR B 132 10.25 -43.55 34.00
C TYR B 132 10.09 -44.39 32.75
N SER B 133 9.94 -43.73 31.62
CA SER B 133 10.00 -44.38 30.31
C SER B 133 11.38 -44.10 29.71
N ILE B 134 12.17 -45.14 29.49
CA ILE B 134 13.51 -44.97 28.96
C ILE B 134 13.46 -44.65 27.46
N SER B 135 12.41 -45.09 26.77
CA SER B 135 12.23 -44.74 25.36
C SER B 135 11.93 -43.24 25.18
N ASP B 136 11.06 -42.71 26.03
CA ASP B 136 10.68 -41.30 25.97
C ASP B 136 11.58 -40.42 26.82
N GLU B 137 12.41 -41.04 27.66
CA GLU B 137 13.31 -40.31 28.54
C GLU B 137 12.50 -39.37 29.44
N SER B 138 11.32 -39.84 29.86
CA SER B 138 10.30 -39.01 30.50
C SER B 138 9.90 -39.55 31.89
N PHE B 139 9.86 -38.67 32.89
CA PHE B 139 9.31 -39.01 34.20
C PHE B 139 7.80 -38.96 34.13
N LEU B 140 7.13 -40.02 34.58
CA LEU B 140 5.68 -40.10 34.54
C LEU B 140 5.15 -40.29 35.96
N THR B 141 3.92 -39.83 36.22
CA THR B 141 3.26 -40.03 37.50
C THR B 141 2.36 -41.28 37.41
N PRO B 142 1.95 -41.85 38.56
CA PRO B 142 1.16 -43.09 38.52
C PRO B 142 -0.12 -43.07 37.67
N GLN B 143 -0.68 -41.88 37.41
CA GLN B 143 -1.88 -41.78 36.56
C GLN B 143 -1.56 -41.90 35.06
N ASN B 144 -0.28 -41.82 34.69
CA ASN B 144 0.16 -41.95 33.28
C ASN B 144 0.65 -43.36 32.88
N ILE B 145 0.43 -44.36 33.74
CA ILE B 145 0.86 -45.76 33.51
C ILE B 145 -0.36 -46.70 33.49
N THR B 146 -0.23 -47.85 32.81
CA THR B 146 -1.17 -49.00 32.93
C THR B 146 -0.55 -50.10 33.78
N LYS B 157 4.16 -52.88 33.05
CA LYS B 157 3.52 -51.57 32.93
C LYS B 157 4.05 -50.79 31.74
N VAL B 158 3.20 -49.97 31.15
CA VAL B 158 3.55 -49.14 29.99
C VAL B 158 2.99 -47.73 30.13
N SER B 159 3.56 -46.78 29.38
CA SER B 159 3.13 -45.39 29.43
C SER B 159 1.79 -45.18 28.70
N LEU B 160 0.94 -44.35 29.28
CA LEU B 160 -0.34 -43.99 28.66
C LEU B 160 -0.09 -43.13 27.44
N GLU B 161 0.83 -42.19 27.52
CA GLU B 161 1.08 -41.36 26.33
C GLU B 161 1.66 -42.14 25.16
N SER B 162 2.79 -42.82 25.35
CA SER B 162 3.50 -43.43 24.22
C SER B 162 3.24 -44.93 24.05
N GLY B 163 2.97 -45.64 25.14
CA GLY B 163 2.80 -47.09 25.09
C GLY B 163 4.11 -47.84 25.23
N HIS B 164 5.20 -47.12 25.49
CA HIS B 164 6.50 -47.73 25.74
C HIS B 164 6.53 -48.27 27.17
N VAL B 165 7.42 -49.24 27.41
CA VAL B 165 7.54 -49.89 28.71
C VAL B 165 8.12 -48.90 29.73
N VAL B 166 7.55 -48.91 30.94
CA VAL B 166 8.02 -48.06 32.03
C VAL B 166 8.70 -48.91 33.10
N THR B 167 9.52 -48.26 33.91
CA THR B 167 10.22 -48.94 34.99
C THR B 167 10.30 -48.02 36.19
N TRP B 168 10.22 -48.60 37.38
CA TRP B 168 10.42 -47.84 38.60
C TRP B 168 11.91 -47.49 38.67
N VAL B 169 12.23 -46.29 39.15
CA VAL B 169 13.62 -45.90 39.33
C VAL B 169 13.81 -45.24 40.69
N SER B 170 15.04 -45.32 41.20
CA SER B 170 15.44 -44.54 42.35
C SER B 170 16.82 -43.92 42.07
N GLU B 171 16.79 -42.81 41.35
CA GLU B 171 18.00 -42.16 40.80
C GLU B 171 18.13 -40.71 41.21
N GLU B 172 19.37 -40.30 41.51
CA GLU B 172 19.69 -38.88 41.73
C GLU B 172 19.55 -38.14 40.42
N ASN B 173 18.88 -36.99 40.47
CA ASN B 173 18.77 -36.10 39.33
C ASN B 173 18.85 -34.63 39.72
N TYR B 174 19.50 -33.83 38.86
CA TYR B 174 19.54 -32.37 39.02
C TYR B 174 18.31 -31.67 38.41
N MET B 175 17.69 -30.80 39.21
CA MET B 175 16.45 -30.13 38.82
C MET B 175 16.70 -28.65 38.83
N PHE B 176 16.11 -27.93 37.88
CA PHE B 176 16.14 -26.46 37.83
C PHE B 176 14.84 -25.87 38.40
N ARG B 177 14.96 -24.86 39.25
CA ARG B 177 13.80 -24.31 39.99
C ARG B 177 12.97 -23.35 39.14
N LEU B 178 12.45 -23.86 38.02
CA LEU B 178 11.68 -23.07 37.07
C LEU B 178 10.43 -22.45 37.70
N SER B 179 9.82 -23.15 38.66
CA SER B 179 8.63 -22.64 39.35
C SER B 179 8.88 -21.29 40.02
N ALA B 180 10.12 -21.05 40.43
CA ALA B 180 10.51 -19.80 41.07
C ALA B 180 10.51 -18.60 40.13
N PHE B 181 10.56 -18.86 38.82
CA PHE B 181 10.62 -17.79 37.82
C PHE B 181 9.30 -17.42 37.16
N ARG B 182 8.20 -17.96 37.65
CA ARG B 182 6.90 -17.68 37.07
C ARG B 182 6.58 -16.17 37.03
N GLU B 183 6.78 -15.49 38.16
CA GLU B 183 6.47 -14.06 38.24
C GLU B 183 7.36 -13.21 37.34
N ARG B 184 8.66 -13.41 37.45
CA ARG B 184 9.61 -12.63 36.65
C ARG B 184 9.39 -12.82 35.14
N LEU B 185 9.01 -14.02 34.73
CA LEU B 185 8.71 -14.30 33.32
C LEU B 185 7.46 -13.56 32.87
N LEU B 186 6.41 -13.66 33.67
CA LEU B 186 5.20 -12.91 33.38
C LEU B 186 5.47 -11.40 33.31
N GLU B 187 6.24 -10.89 34.27
CA GLU B 187 6.67 -9.49 34.24
C GLU B 187 7.39 -9.16 32.93
N TRP B 188 8.23 -10.06 32.46
CA TRP B 188 8.94 -9.87 31.21
C TRP B 188 8.01 -9.85 30.01
N TYR B 189 7.11 -10.83 29.89
CA TYR B 189 6.17 -10.87 28.76
C TYR B 189 5.30 -9.61 28.68
N HIS B 190 4.78 -9.18 29.83
CA HIS B 190 3.86 -8.05 29.87
CA HIS B 190 3.85 -8.02 29.94
C HIS B 190 4.59 -6.71 29.66
N ALA B 191 5.85 -6.63 30.08
CA ALA B 191 6.63 -5.40 29.93
C ALA B 191 7.18 -5.22 28.51
N ASN B 192 7.36 -6.32 27.80
CA ASN B 192 7.90 -6.29 26.44
C ASN B 192 6.93 -7.01 25.51
N PRO B 193 5.79 -6.39 25.20
CA PRO B 193 4.73 -7.08 24.47
C PRO B 193 5.09 -7.52 23.04
N GLY B 194 6.19 -7.02 22.50
CA GLY B 194 6.69 -7.50 21.22
C GLY B 194 7.74 -8.60 21.30
N CYS B 195 8.05 -9.08 22.52
CA CYS B 195 9.16 -10.02 22.70
C CYS B 195 8.93 -11.40 22.07
N ILE B 196 7.67 -11.74 21.79
CA ILE B 196 7.32 -13.01 21.14
C ILE B 196 6.38 -12.75 19.96
N VAL B 197 6.79 -13.19 18.78
CA VAL B 197 6.04 -12.95 17.54
C VAL B 197 5.79 -14.30 16.88
N PRO B 198 4.61 -14.55 16.33
CA PRO B 198 3.51 -13.59 16.27
C PRO B 198 2.69 -13.54 17.55
N GLU B 199 1.82 -12.54 17.64
CA GLU B 199 1.09 -12.24 18.86
C GLU B 199 0.32 -13.43 19.44
N PHE B 200 -0.33 -14.22 18.59
CA PHE B 200 -1.09 -15.39 19.10
C PHE B 200 -0.19 -16.47 19.76
N ARG B 201 1.08 -16.55 19.35
CA ARG B 201 2.05 -17.40 20.03
C ARG B 201 2.49 -16.76 21.34
N ARG B 202 2.57 -15.43 21.37
CA ARG B 202 2.81 -14.74 22.64
C ARG B 202 1.70 -15.06 23.66
N ARG B 203 0.45 -14.92 23.24
CA ARG B 203 -0.69 -15.18 24.13
C ARG B 203 -0.66 -16.61 24.67
N GLU B 204 -0.16 -17.55 23.87
CA GLU B 204 -0.06 -18.94 24.28
C GLU B 204 0.95 -19.14 25.40
N VAL B 205 2.14 -18.59 25.23
CA VAL B 205 3.19 -18.72 26.24
C VAL B 205 2.72 -18.14 27.56
N ILE B 206 2.05 -16.98 27.49
CA ILE B 206 1.58 -16.31 28.69
C ILE B 206 0.56 -17.15 29.44
N ARG B 207 -0.46 -17.65 28.74
CA ARG B 207 -1.49 -18.47 29.39
C ARG B 207 -0.94 -19.78 29.95
N ALA B 208 0.13 -20.28 29.35
CA ALA B 208 0.84 -21.45 29.87
C ALA B 208 1.51 -21.12 31.18
N VAL B 209 2.34 -20.06 31.19
CA VAL B 209 3.06 -19.67 32.39
C VAL B 209 2.10 -19.19 33.47
N GLU B 210 1.00 -18.56 33.08
CA GLU B 210 -0.06 -18.19 34.05
C GLU B 210 -0.60 -19.42 34.77
N LYS B 211 -0.77 -20.53 34.06
CA LYS B 211 -1.28 -21.78 34.64
C LYS B 211 -0.36 -22.44 35.66
N GLY B 212 0.89 -21.99 35.75
CA GLY B 212 1.83 -22.50 36.75
C GLY B 212 2.96 -23.23 36.08
N LEU B 213 4.13 -23.25 36.71
CA LEU B 213 5.32 -23.91 36.17
C LEU B 213 5.86 -24.98 37.09
N PRO B 214 6.22 -26.16 36.53
CA PRO B 214 6.96 -27.15 37.31
C PRO B 214 8.47 -26.94 37.20
N ASP B 215 9.23 -27.46 38.16
CA ASP B 215 10.68 -27.48 38.05
C ASP B 215 11.10 -28.41 36.90
N LEU B 216 12.31 -28.20 36.39
CA LEU B 216 12.74 -28.84 35.16
C LEU B 216 13.96 -29.72 35.43
N SER B 217 13.91 -30.96 34.98
CA SER B 217 15.07 -31.84 34.99
C SER B 217 16.11 -31.34 33.97
N VAL B 218 17.31 -31.03 34.47
CA VAL B 218 18.39 -30.56 33.61
C VAL B 218 19.57 -31.55 33.47
N SER B 219 19.51 -32.69 34.15
CA SER B 219 20.55 -33.73 34.01
C SER B 219 19.93 -35.10 33.79
N ARG B 220 20.74 -36.05 33.32
CA ARG B 220 20.34 -37.45 33.20
C ARG B 220 21.48 -38.37 33.58
N ALA B 221 21.14 -39.58 33.99
CA ALA B 221 22.13 -40.63 34.26
C ALA B 221 22.95 -40.91 33.00
N ARG B 222 24.27 -40.98 33.13
CA ARG B 222 25.16 -41.12 31.98
C ARG B 222 24.96 -42.42 31.19
N ALA B 223 24.57 -43.50 31.88
CA ALA B 223 24.27 -44.76 31.21
C ALA B 223 23.18 -44.58 30.15
N THR B 224 22.12 -43.87 30.51
CA THR B 224 20.97 -43.63 29.61
C THR B 224 21.41 -43.06 28.27
N LEU B 225 22.28 -42.06 28.31
CA LEU B 225 22.72 -41.34 27.11
C LEU B 225 23.92 -41.96 26.37
N HIS B 226 24.34 -43.15 26.79
CA HIS B 226 25.52 -43.80 26.22
C HIS B 226 26.74 -42.89 26.26
N ASN B 227 26.80 -42.11 27.34
CA ASN B 227 27.90 -41.18 27.58
C ASN B 227 28.17 -40.15 26.48
N TRP B 228 27.16 -39.83 25.69
CA TRP B 228 27.33 -38.89 24.60
C TRP B 228 26.66 -37.56 24.95
N ALA B 229 27.31 -36.83 25.85
CA ALA B 229 26.80 -35.58 26.38
C ALA B 229 27.83 -34.91 27.28
N ILE B 230 27.56 -33.68 27.69
CA ILE B 230 28.49 -32.89 28.51
C ILE B 230 28.35 -33.26 29.98
N PRO B 231 29.47 -33.62 30.63
CA PRO B 231 29.40 -33.97 32.06
C PRO B 231 28.96 -32.81 32.95
N VAL B 232 28.19 -33.13 33.99
CA VAL B 232 27.84 -32.15 35.00
C VAL B 232 29.14 -31.79 35.74
N PRO B 233 29.47 -30.49 35.85
CA PRO B 233 30.64 -30.07 36.63
C PRO B 233 30.66 -30.63 38.05
N GLY B 234 31.73 -31.36 38.37
CA GLY B 234 31.87 -31.98 39.68
C GLY B 234 30.93 -33.14 39.93
N ASN B 235 30.38 -33.73 38.89
CA ASN B 235 29.62 -34.97 39.02
C ASN B 235 29.56 -35.73 37.68
N PRO B 236 30.64 -36.49 37.38
CA PRO B 236 30.72 -37.20 36.11
C PRO B 236 29.71 -38.35 35.92
N ASP B 237 28.93 -38.69 36.95
CA ASP B 237 27.85 -39.69 36.79
C ASP B 237 26.64 -39.14 36.03
N HIS B 238 26.51 -37.82 35.98
CA HIS B 238 25.38 -37.17 35.30
C HIS B 238 25.84 -36.33 34.13
N VAL B 240 24.59 -33.16 31.26
CA VAL B 240 23.73 -32.00 31.08
C VAL B 240 22.73 -32.34 30.00
N TYR B 241 21.46 -32.17 30.30
CA TYR B 241 20.45 -32.57 29.36
C TYR B 241 20.26 -31.56 28.19
N VAL B 242 19.35 -31.90 27.29
CA VAL B 242 19.07 -31.11 26.08
C VAL B 242 18.92 -29.60 26.29
N TRP B 243 18.34 -29.21 27.41
CA TRP B 243 17.96 -27.82 27.57
C TRP B 243 19.23 -26.97 27.77
N LEU B 244 20.01 -27.24 28.82
CA LEU B 244 21.17 -26.40 29.11
C LEU B 244 22.27 -26.52 28.07
N ASP B 245 22.40 -27.68 27.43
CA ASP B 245 23.41 -27.83 26.40
C ASP B 245 23.10 -26.97 25.16
N ALA B 246 21.99 -27.28 24.50
CA ALA B 246 21.67 -26.70 23.19
C ALA B 246 21.33 -25.20 23.21
N LEU B 247 20.47 -24.78 24.15
CA LEU B 247 20.08 -23.38 24.26
C LEU B 247 21.26 -22.47 24.52
N THR B 248 22.26 -23.01 25.20
CA THR B 248 23.43 -22.24 25.56
C THR B 248 24.30 -21.88 24.36
N ASN B 249 24.05 -22.50 23.22
CA ASN B 249 24.83 -22.20 22.03
C ASN B 249 24.80 -20.72 21.67
N TYR B 250 23.66 -20.07 21.90
CA TYR B 250 23.49 -18.67 21.56
C TYR B 250 24.48 -17.81 22.36
N LEU B 251 24.62 -18.16 23.64
CA LEU B 251 25.58 -17.53 24.52
C LEU B 251 27.01 -17.79 24.04
N THR B 252 27.32 -19.04 23.73
CA THR B 252 28.64 -19.37 23.23
C THR B 252 28.97 -18.59 21.96
N GLY B 253 28.05 -18.60 21.01
CA GLY B 253 28.28 -17.90 19.74
C GLY B 253 28.60 -16.43 19.93
N SER B 254 27.97 -15.82 20.94
CA SER B 254 28.15 -14.40 21.21
C SER B 254 29.51 -14.09 21.81
N ARG B 255 30.25 -15.12 22.21
CA ARG B 255 31.57 -14.99 22.81
C ARG B 255 32.75 -15.47 21.94
N LEU B 256 32.47 -16.01 20.74
CA LEU B 256 33.52 -16.54 19.88
C LEU B 256 34.04 -15.52 18.88
N ARG B 257 35.34 -15.22 18.91
CA ARG B 257 35.97 -14.50 17.81
C ARG B 257 36.20 -15.44 16.64
N VAL B 258 35.89 -15.00 15.43
CA VAL B 258 35.97 -15.85 14.24
C VAL B 258 36.81 -15.20 13.16
N ASP B 259 37.68 -15.97 12.51
CA ASP B 259 38.63 -15.42 11.50
C ASP B 259 38.06 -15.37 10.06
N GLU B 260 38.89 -14.94 9.11
CA GLU B 260 38.55 -14.91 7.68
C GLU B 260 37.88 -16.23 7.21
N SER B 261 38.53 -17.34 7.51
CA SER B 261 38.05 -18.67 7.09
C SER B 261 36.69 -19.06 7.69
N GLY B 262 36.46 -18.69 8.95
CA GLY B 262 35.21 -19.03 9.65
C GLY B 262 35.36 -19.98 10.83
N LYS B 263 36.61 -20.36 11.14
CA LYS B 263 36.89 -21.16 12.32
C LYS B 263 36.84 -20.28 13.58
N GLU B 264 36.33 -20.84 14.67
CA GLU B 264 36.41 -20.22 15.99
C GLU B 264 37.88 -20.05 16.39
N VAL B 265 38.28 -18.85 16.81
CA VAL B 265 39.69 -18.58 17.15
C VAL B 265 39.92 -18.25 18.63
N SER B 266 38.87 -17.94 19.37
CA SER B 266 39.01 -17.50 20.75
C SER B 266 37.65 -17.44 21.45
N LEU B 267 37.65 -17.65 22.77
CA LEU B 267 36.44 -17.52 23.56
C LEU B 267 36.63 -16.45 24.64
N VAL B 268 36.11 -15.26 24.39
CA VAL B 268 36.21 -14.16 25.34
C VAL B 268 35.45 -14.48 26.63
N ASP B 269 35.96 -13.97 27.75
CA ASP B 269 35.35 -14.20 29.07
C ASP B 269 34.04 -13.45 29.24
N ASP B 270 34.03 -12.19 28.82
CA ASP B 270 32.89 -11.29 29.00
C ASP B 270 32.14 -11.12 27.68
N PHE B 271 30.85 -11.48 27.65
CA PHE B 271 30.07 -11.40 26.41
C PHE B 271 30.03 -9.99 25.84
N ASN B 272 30.02 -8.99 26.72
CA ASN B 272 30.02 -7.59 26.29
C ASN B 272 31.18 -7.22 25.37
N GLU B 273 32.29 -7.92 25.48
CA GLU B 273 33.46 -7.64 24.65
C GLU B 273 33.13 -7.65 23.15
N LEU B 274 32.25 -8.56 22.74
CA LEU B 274 31.91 -8.71 21.33
C LEU B 274 30.60 -8.04 20.93
N GLU B 275 29.86 -7.49 21.90
CA GLU B 275 28.68 -6.65 21.62
C GLU B 275 27.52 -7.41 20.96
N ARG B 276 27.47 -8.73 21.14
CA ARG B 276 26.46 -9.56 20.47
C ARG B 276 25.29 -9.94 21.35
N PHE B 277 25.59 -10.37 22.58
CA PHE B 277 24.55 -10.86 23.49
C PHE B 277 23.80 -9.68 24.08
N PRO B 278 22.47 -9.77 24.23
CA PRO B 278 21.68 -10.96 23.91
C PRO B 278 21.16 -10.90 22.49
N ALA B 279 20.56 -11.99 22.02
CA ALA B 279 20.03 -12.04 20.67
C ALA B 279 19.01 -10.94 20.45
N ASP B 280 19.06 -10.33 19.28
CA ASP B 280 18.06 -9.37 18.88
C ASP B 280 16.85 -10.10 18.30
N VAL B 281 17.12 -11.17 17.56
CA VAL B 281 16.07 -12.07 17.06
C VAL B 281 16.53 -13.52 17.18
N HIS B 282 15.74 -14.33 17.88
CA HIS B 282 15.86 -15.78 17.81
C HIS B 282 14.83 -16.29 16.83
N VAL B 283 15.26 -16.88 15.72
CA VAL B 283 14.30 -17.52 14.81
C VAL B 283 14.11 -18.98 15.23
N ILE B 284 12.86 -19.41 15.34
CA ILE B 284 12.57 -20.81 15.67
C ILE B 284 11.28 -21.29 15.02
N GLY B 285 11.08 -22.59 15.02
CA GLY B 285 9.79 -23.18 14.67
C GLY B 285 8.87 -23.20 15.88
N LYS B 286 7.57 -23.37 15.64
CA LYS B 286 6.56 -23.35 16.70
C LYS B 286 6.73 -24.52 17.67
N ASP B 287 7.29 -25.61 17.19
CA ASP B 287 7.51 -26.82 18.00
C ASP B 287 8.49 -26.63 19.19
N ILE B 288 9.32 -25.58 19.16
CA ILE B 288 10.29 -25.37 20.26
C ILE B 288 10.13 -24.02 20.95
N LEU B 289 8.90 -23.52 20.98
CA LEU B 289 8.59 -22.23 21.57
C LEU B 289 8.79 -22.25 23.09
N LYS B 290 8.29 -23.29 23.75
CA LYS B 290 8.39 -23.36 25.21
C LYS B 290 9.82 -23.27 25.69
N PHE B 291 10.76 -23.85 24.95
CA PHE B 291 12.15 -23.92 25.39
C PHE B 291 12.81 -22.55 25.31
N HIS B 292 12.45 -21.80 24.28
CA HIS B 292 13.02 -20.49 24.01
C HIS B 292 12.32 -19.34 24.73
N ALA B 293 11.04 -19.51 25.01
CA ALA B 293 10.24 -18.44 25.63
C ALA B 293 10.05 -18.62 27.13
N ILE B 294 10.33 -19.82 27.65
CA ILE B 294 10.13 -20.11 29.06
C ILE B 294 11.43 -20.53 29.73
N TYR B 295 12.00 -21.66 29.33
CA TYR B 295 13.21 -22.18 30.00
C TYR B 295 14.39 -21.23 29.82
N TRP B 296 14.68 -20.92 28.55
CA TRP B 296 15.82 -20.10 28.18
C TRP B 296 15.87 -18.77 28.94
N PRO B 297 14.75 -18.01 28.95
CA PRO B 297 14.78 -16.77 29.74
C PRO B 297 14.90 -16.98 31.24
N ALA B 298 14.34 -18.06 31.77
CA ALA B 298 14.49 -18.38 33.19
C ALA B 298 15.95 -18.67 33.54
N PHE B 299 16.66 -19.38 32.65
CA PHE B 299 18.08 -19.67 32.86
C PHE B 299 18.87 -18.36 32.91
N LEU B 300 18.55 -17.46 31.99
CA LEU B 300 19.23 -16.18 31.89
C LEU B 300 18.92 -15.30 33.09
N LEU B 301 17.66 -15.29 33.52
CA LEU B 301 17.30 -14.61 34.74
C LEU B 301 18.06 -15.15 35.95
N SER B 302 18.17 -16.47 36.07
CA SER B 302 18.89 -17.10 37.17
C SER B 302 20.34 -16.63 37.21
N ALA B 303 20.96 -16.55 36.05
CA ALA B 303 22.38 -16.23 35.93
C ALA B 303 22.67 -14.74 35.81
N GLY B 304 21.60 -13.94 35.82
CA GLY B 304 21.72 -12.49 35.75
C GLY B 304 22.11 -12.00 34.38
N LEU B 305 21.76 -12.75 33.35
CA LEU B 305 22.10 -12.37 31.98
C LEU B 305 20.95 -11.61 31.33
N PRO B 306 21.26 -10.74 30.34
CA PRO B 306 20.24 -10.04 29.58
C PRO B 306 19.40 -10.99 28.73
N LEU B 307 18.14 -10.64 28.56
CA LEU B 307 17.22 -11.48 27.83
C LEU B 307 17.19 -11.08 26.35
N PRO B 308 16.80 -12.01 25.49
CA PRO B 308 16.66 -11.65 24.08
C PRO B 308 15.59 -10.59 23.87
N LYS B 309 15.64 -9.93 22.71
CA LYS B 309 14.71 -8.86 22.38
C LYS B 309 13.45 -9.44 21.76
N LYS B 310 13.65 -10.39 20.85
CA LYS B 310 12.54 -11.03 20.16
C LYS B 310 12.79 -12.50 19.94
N ILE B 311 11.73 -13.28 20.11
CA ILE B 311 11.66 -14.63 19.59
C ILE B 311 10.59 -14.63 18.52
N VAL B 312 10.95 -15.02 17.30
CA VAL B 312 9.95 -15.23 16.26
C VAL B 312 9.79 -16.72 15.96
N ALA B 313 8.55 -17.20 16.04
CA ALA B 313 8.23 -18.60 15.81
C ALA B 313 7.36 -18.76 14.58
N HIS B 314 7.86 -19.46 13.58
CA HIS B 314 7.12 -19.70 12.33
C HIS B 314 6.34 -21.01 12.37
N GLY B 315 5.62 -21.33 11.30
CA GLY B 315 4.84 -22.58 11.24
C GLY B 315 5.58 -23.67 10.48
N TRP B 316 4.89 -24.76 10.14
CA TRP B 316 5.49 -25.88 9.36
C TRP B 316 5.36 -25.66 7.84
N TRP B 317 5.81 -26.64 7.05
CA TRP B 317 5.57 -26.65 5.61
C TRP B 317 4.97 -27.97 5.13
N THR B 318 3.91 -27.87 4.34
CA THR B 318 3.32 -28.98 3.59
C THR B 318 3.62 -28.80 2.09
N LYS B 319 3.58 -29.89 1.33
CA LYS B 319 3.69 -29.81 -0.13
C LYS B 319 2.48 -30.47 -0.81
N ASP B 320 1.82 -29.73 -1.70
CA ASP B 320 0.59 -30.18 -2.37
C ASP B 320 -0.48 -30.62 -1.37
N ARG B 321 -0.68 -29.78 -0.36
CA ARG B 321 -1.70 -29.95 0.69
C ARG B 321 -1.58 -31.23 1.53
N LYS B 322 -0.62 -32.10 1.23
CA LYS B 322 -0.35 -33.30 2.05
C LYS B 322 0.93 -33.12 2.89
N LYS B 323 1.16 -34.04 3.81
CA LYS B 323 2.34 -33.99 4.68
C LYS B 323 3.58 -34.38 3.88
N ILE B 324 4.75 -33.83 4.25
CA ILE B 324 6.01 -34.12 3.57
C ILE B 324 6.82 -35.19 4.30
N SER B 325 7.01 -36.36 3.67
CA SER B 325 7.87 -37.42 4.22
C SER B 325 8.50 -38.29 3.12
N LYS B 326 9.66 -38.87 3.45
CA LYS B 326 10.42 -39.71 2.52
C LYS B 326 9.72 -41.03 2.26
N SER B 327 9.17 -41.64 3.30
CA SER B 327 8.48 -42.95 3.19
C SER B 327 6.95 -42.83 3.07
N LEU B 328 6.41 -41.65 3.36
CA LEU B 328 4.97 -41.39 3.21
C LEU B 328 4.59 -40.98 1.77
N GLY B 329 5.55 -40.98 0.86
CA GLY B 329 5.29 -40.77 -0.57
C GLY B 329 5.08 -39.34 -1.01
N ASN B 330 5.88 -38.41 -0.48
CA ASN B 330 5.84 -37.00 -0.92
C ASN B 330 7.04 -36.20 -0.40
N VAL B 331 7.89 -35.74 -1.32
CA VAL B 331 9.16 -35.10 -0.95
C VAL B 331 9.24 -33.67 -1.49
N PHE B 332 9.94 -32.81 -0.75
CA PHE B 332 10.17 -31.41 -1.10
C PHE B 332 11.64 -31.06 -0.85
N ASP B 333 12.47 -31.20 -1.88
CA ASP B 333 13.91 -30.93 -1.79
C ASP B 333 14.24 -29.51 -2.27
N PRO B 334 14.62 -28.62 -1.35
CA PRO B 334 14.85 -27.23 -1.74
C PRO B 334 16.01 -27.05 -2.73
N VAL B 335 17.08 -27.83 -2.59
CA VAL B 335 18.22 -27.70 -3.47
C VAL B 335 17.78 -28.04 -4.90
N GLU B 336 16.91 -29.04 -5.02
CA GLU B 336 16.42 -29.49 -6.32
C GLU B 336 15.54 -28.44 -6.98
N LYS B 337 14.56 -27.93 -6.23
CA LYS B 337 13.66 -26.90 -6.75
C LYS B 337 14.38 -25.60 -7.08
N ALA B 338 15.43 -25.29 -6.33
CA ALA B 338 16.26 -24.12 -6.63
C ALA B 338 17.00 -24.28 -7.95
N GLU B 339 17.46 -25.50 -8.22
CA GLU B 339 18.12 -25.80 -9.49
C GLU B 339 17.17 -25.66 -10.66
N GLU B 340 15.87 -25.88 -10.41
CA GLU B 340 14.85 -25.77 -11.44
C GLU B 340 14.35 -24.35 -11.67
N PHE B 341 14.07 -23.62 -10.59
CA PHE B 341 13.44 -22.30 -10.69
C PHE B 341 14.39 -21.15 -10.36
N GLY B 342 15.59 -21.48 -9.89
CA GLY B 342 16.52 -20.46 -9.39
C GLY B 342 16.48 -20.35 -7.88
N TYR B 343 17.63 -20.01 -7.30
CA TYR B 343 17.76 -19.92 -5.85
C TYR B 343 17.01 -18.73 -5.24
N ASP B 344 17.26 -17.53 -5.72
CA ASP B 344 16.55 -16.35 -5.22
C ASP B 344 15.04 -16.53 -5.38
N ALA B 345 14.62 -17.08 -6.50
CA ALA B 345 13.20 -17.27 -6.79
C ALA B 345 12.53 -18.14 -5.74
N LEU B 346 13.18 -19.26 -5.41
CA LEU B 346 12.69 -20.18 -4.39
C LEU B 346 12.61 -19.50 -3.04
N LYS B 347 13.68 -18.81 -2.64
CA LYS B 347 13.70 -18.11 -1.37
C LYS B 347 12.54 -17.13 -1.26
N TYR B 348 12.41 -16.29 -2.28
CA TYR B 348 11.29 -15.37 -2.41
C TYR B 348 9.97 -16.10 -2.19
N PHE B 349 9.76 -17.21 -2.88
CA PHE B 349 8.50 -17.92 -2.77
C PHE B 349 8.21 -18.35 -1.34
N LEU B 350 9.18 -19.02 -0.73
CA LEU B 350 9.04 -19.51 0.63
C LEU B 350 8.69 -18.37 1.59
N LEU B 351 9.37 -17.24 1.40
CA LEU B 351 9.19 -16.06 2.25
C LEU B 351 7.87 -15.34 1.98
N ARG B 352 7.46 -15.28 0.72
CA ARG B 352 6.27 -14.55 0.30
C ARG B 352 4.99 -15.37 0.47
N GLU B 353 5.08 -16.67 0.17
CA GLU B 353 3.89 -17.52 0.12
C GLU B 353 3.27 -17.69 1.49
N SER B 354 4.08 -17.68 2.54
CA SER B 354 3.46 -17.81 3.85
C SER B 354 4.05 -16.95 4.94
N GLY B 355 3.16 -16.61 5.86
CA GLY B 355 3.50 -15.81 7.02
C GLY B 355 3.93 -16.70 8.17
N PHE B 356 4.39 -16.07 9.24
CA PHE B 356 4.84 -16.81 10.41
C PHE B 356 3.64 -17.30 11.20
N SER B 357 2.49 -16.67 10.94
CA SER B 357 1.23 -17.05 11.56
C SER B 357 0.71 -18.37 10.96
N ASP B 358 1.16 -18.69 9.75
CA ASP B 358 0.61 -19.77 8.93
C ASP B 358 1.61 -20.91 8.72
N ASP B 359 1.08 -22.12 8.58
CA ASP B 359 1.77 -23.23 7.89
C ASP B 359 1.73 -23.07 6.37
N GLY B 360 2.88 -22.95 5.73
CA GLY B 360 2.95 -22.74 4.26
C GLY B 360 2.69 -23.97 3.40
N ASP B 361 2.07 -23.76 2.23
CA ASP B 361 1.85 -24.83 1.23
C ASP B 361 2.63 -24.57 -0.08
N TYR B 362 3.51 -25.51 -0.43
CA TYR B 362 4.20 -25.47 -1.71
C TYR B 362 3.51 -26.36 -2.76
N SER B 363 3.30 -25.78 -3.95
CA SER B 363 3.09 -26.53 -5.17
C SER B 363 3.85 -25.88 -6.32
N ASP B 364 4.14 -26.66 -7.36
CA ASP B 364 4.73 -26.11 -8.56
C ASP B 364 3.82 -25.09 -9.24
N LYS B 365 2.51 -25.34 -9.17
CA LYS B 365 1.54 -24.41 -9.73
C LYS B 365 1.76 -23.00 -9.19
N ASN B 366 1.61 -22.85 -7.86
CA ASN B 366 1.73 -21.53 -7.23
C ASN B 366 3.12 -20.97 -7.33
N MET B 367 4.10 -21.87 -7.34
CA MET B 367 5.50 -21.47 -7.45
C MET B 367 5.80 -20.79 -8.78
N ILE B 368 5.36 -21.41 -9.87
CA ILE B 368 5.48 -20.82 -11.20
C ILE B 368 4.63 -19.55 -11.31
N ALA B 369 3.43 -19.59 -10.72
CA ALA B 369 2.52 -18.46 -10.76
C ALA B 369 3.19 -17.21 -10.20
N ARG B 370 3.85 -17.34 -9.05
CA ARG B 370 4.52 -16.22 -8.41
C ARG B 370 5.76 -15.81 -9.17
N LEU B 371 6.51 -16.78 -9.67
CA LEU B 371 7.68 -16.49 -10.48
C LEU B 371 7.31 -15.60 -11.67
N ASN B 372 6.34 -16.05 -12.45
CA ASN B 372 5.91 -15.33 -13.65
C ASN B 372 5.20 -14.01 -13.35
N GLY B 373 4.30 -14.02 -12.38
CA GLY B 373 3.44 -12.87 -12.11
C GLY B 373 4.10 -11.71 -11.37
N GLU B 374 4.97 -12.03 -10.42
CA GLU B 374 5.55 -11.02 -9.56
C GLU B 374 7.00 -10.79 -9.96
N LEU B 375 7.82 -11.82 -9.92
CA LEU B 375 9.24 -11.67 -10.24
C LEU B 375 9.52 -11.29 -11.70
N ALA B 376 8.86 -11.95 -12.64
CA ALA B 376 9.09 -11.68 -14.06
C ALA B 376 8.28 -10.48 -14.55
N ASP B 377 6.96 -10.56 -14.42
CA ASP B 377 6.06 -9.56 -14.99
C ASP B 377 6.13 -8.21 -14.29
N THR B 378 6.22 -8.23 -12.97
CA THR B 378 6.21 -7.01 -12.19
C THR B 378 7.61 -6.43 -12.07
N LEU B 379 8.54 -7.21 -11.51
CA LEU B 379 9.90 -6.70 -11.25
C LEU B 379 10.80 -6.73 -12.49
N GLY B 380 10.84 -7.90 -13.13
CA GLY B 380 11.75 -8.13 -14.25
C GLY B 380 11.48 -7.22 -15.42
N ASN B 381 10.22 -7.18 -15.84
CA ASN B 381 9.79 -6.36 -16.97
C ASN B 381 10.10 -4.87 -16.75
N LEU B 382 9.93 -4.42 -15.52
CA LEU B 382 10.16 -3.03 -15.16
C LEU B 382 11.63 -2.64 -15.29
N VAL B 383 12.50 -3.56 -14.90
CA VAL B 383 13.95 -3.35 -14.96
C VAL B 383 14.38 -3.22 -16.42
N MET B 384 13.78 -4.03 -17.28
CA MET B 384 14.11 -4.00 -18.70
C MET B 384 13.56 -2.73 -19.37
N ARG B 385 12.39 -2.26 -18.93
CA ARG B 385 11.79 -1.03 -19.45
CA ARG B 385 11.83 -1.06 -19.52
C ARG B 385 12.67 0.19 -19.22
N CYS B 386 13.16 0.36 -17.99
CA CYS B 386 13.94 1.56 -17.66
C CYS B 386 15.39 1.51 -18.14
N THR B 387 15.84 0.35 -18.62
CA THR B 387 17.19 0.19 -19.19
C THR B 387 17.23 -0.04 -20.69
N SER B 388 16.07 -0.25 -21.31
CA SER B 388 15.98 -0.49 -22.75
C SER B 388 16.60 0.65 -23.58
N ALA B 389 17.41 0.30 -24.57
CA ALA B 389 17.97 1.29 -25.49
C ALA B 389 16.88 2.09 -26.22
N LYS B 390 15.72 1.47 -26.42
CA LYS B 390 14.57 2.12 -27.04
C LYS B 390 14.10 3.30 -26.19
N ILE B 391 13.92 3.05 -24.89
CA ILE B 391 13.36 4.06 -23.97
C ILE B 391 14.48 4.93 -23.41
N ASN B 392 15.48 4.29 -22.82
CA ASN B 392 16.66 4.97 -22.30
C ASN B 392 17.73 5.01 -23.39
N VAL B 393 17.68 6.01 -24.26
CA VAL B 393 18.54 6.03 -25.44
C VAL B 393 20.00 6.33 -25.08
N ASN B 394 20.21 7.12 -24.03
CA ASN B 394 21.56 7.50 -23.64
C ASN B 394 22.25 6.53 -22.69
N GLY B 395 21.49 5.60 -22.13
CA GLY B 395 22.06 4.62 -21.19
C GLY B 395 22.68 5.34 -20.02
N GLU B 396 21.85 6.09 -19.30
CA GLU B 396 22.28 6.88 -18.17
C GLU B 396 21.08 7.31 -17.36
N TRP B 397 21.30 7.70 -16.10
CA TRP B 397 20.24 8.29 -15.28
C TRP B 397 20.06 9.72 -15.79
N PRO B 398 18.85 10.05 -16.30
CA PRO B 398 18.69 11.42 -16.78
C PRO B 398 18.41 12.37 -15.64
N SER B 399 18.58 13.66 -15.91
CA SER B 399 18.29 14.69 -14.94
C SER B 399 16.81 15.08 -15.07
N PRO B 400 16.02 14.94 -13.99
CA PRO B 400 14.59 15.19 -14.14
C PRO B 400 14.24 16.65 -14.38
N ALA B 401 13.16 16.89 -15.11
CA ALA B 401 12.58 18.22 -15.26
C ALA B 401 11.60 18.44 -14.12
N ALA B 402 10.67 19.38 -14.29
CA ALA B 402 9.64 19.64 -13.28
C ALA B 402 8.75 18.40 -13.04
N TYR B 403 8.25 18.26 -11.81
CA TYR B 403 7.39 17.13 -11.45
C TYR B 403 5.90 17.50 -11.48
N THR B 404 5.07 16.64 -12.08
CA THR B 404 3.61 16.74 -11.92
C THR B 404 3.16 16.27 -10.52
N GLU B 405 1.87 16.47 -10.22
CA GLU B 405 1.31 15.89 -9.01
C GLU B 405 1.33 14.37 -9.04
N GLU B 406 1.10 13.78 -10.21
CA GLU B 406 1.24 12.34 -10.37
C GLU B 406 2.67 11.88 -10.12
N ASP B 407 3.63 12.56 -10.71
CA ASP B 407 5.03 12.29 -10.40
C ASP B 407 5.21 12.28 -8.88
N GLU B 408 4.75 13.33 -8.22
CA GLU B 408 4.95 13.46 -6.79
C GLU B 408 4.28 12.37 -5.96
N SER B 409 3.18 11.81 -6.47
CA SER B 409 2.44 10.79 -5.73
C SER B 409 3.20 9.47 -5.73
N LEU B 410 3.88 9.18 -6.84
CA LEU B 410 4.73 7.99 -6.90
C LEU B 410 5.98 8.16 -6.05
N ILE B 411 6.57 9.35 -6.13
CA ILE B 411 7.75 9.69 -5.33
C ILE B 411 7.45 9.57 -3.84
N GLN B 412 6.28 10.01 -3.43
CA GLN B 412 5.89 9.88 -2.03
C GLN B 412 5.93 8.40 -1.59
N LEU B 413 5.42 7.50 -2.44
CA LEU B 413 5.41 6.07 -2.14
C LEU B 413 6.82 5.50 -2.06
N ILE B 414 7.68 5.91 -2.99
CA ILE B 414 9.06 5.48 -2.97
C ILE B 414 9.76 6.00 -1.71
N LYS B 415 9.46 7.23 -1.31
CA LYS B 415 10.06 7.81 -0.12
C LYS B 415 9.57 7.16 1.16
N ASP B 416 8.29 6.80 1.19
CA ASP B 416 7.71 6.18 2.38
C ASP B 416 8.09 4.71 2.50
N LEU B 417 8.49 4.09 1.41
CA LEU B 417 8.72 2.65 1.40
C LEU B 417 9.75 2.16 2.43
N PRO B 418 10.92 2.82 2.52
CA PRO B 418 11.94 2.33 3.45
C PRO B 418 11.49 2.28 4.90
N GLY B 419 10.79 3.31 5.36
CA GLY B 419 10.35 3.36 6.75
C GLY B 419 9.36 2.26 7.05
N THR B 420 8.48 2.01 6.09
CA THR B 420 7.45 0.99 6.20
C THR B 420 8.09 -0.39 6.25
N ALA B 421 8.93 -0.65 5.25
CA ALA B 421 9.64 -1.92 5.14
C ALA B 421 10.54 -2.15 6.35
N ASP B 422 11.21 -1.11 6.82
CA ASP B 422 12.04 -1.21 8.01
C ASP B 422 11.25 -1.78 9.19
N HIS B 423 10.10 -1.18 9.49
CA HIS B 423 9.26 -1.65 10.59
C HIS B 423 8.91 -3.12 10.41
N TYR B 424 8.51 -3.51 9.20
CA TYR B 424 8.13 -4.89 8.94
C TYR B 424 9.30 -5.80 9.20
N TYR B 425 10.43 -5.52 8.57
CA TYR B 425 11.64 -6.29 8.81
C TYR B 425 11.95 -6.43 10.29
N LEU B 426 11.69 -5.40 11.08
CA LEU B 426 12.00 -5.47 12.52
C LEU B 426 11.00 -6.24 13.37
N ILE B 427 9.80 -6.50 12.87
CA ILE B 427 8.75 -7.14 13.67
C ILE B 427 9.18 -8.49 14.26
N PRO B 428 9.67 -9.44 13.47
CA PRO B 428 9.85 -9.35 12.03
C PRO B 428 8.73 -10.05 11.27
N ASP B 429 8.35 -9.47 10.14
CA ASP B 429 7.33 -10.04 9.28
C ASP B 429 7.84 -9.82 7.88
N ILE B 430 8.63 -10.78 7.41
CA ILE B 430 9.28 -10.68 6.12
C ILE B 430 8.28 -10.71 4.97
N GLN B 431 7.17 -11.42 5.16
CA GLN B 431 6.12 -11.45 4.15
C GLN B 431 5.52 -10.08 3.88
N LYS B 432 5.24 -9.34 4.95
CA LYS B 432 4.67 -8.01 4.80
C LYS B 432 5.67 -7.01 4.23
N ALA B 433 6.96 -7.22 4.46
CA ALA B 433 7.97 -6.35 3.89
C ALA B 433 8.03 -6.56 2.39
N ILE B 434 7.92 -7.82 1.96
CA ILE B 434 7.89 -8.13 0.54
C ILE B 434 6.64 -7.51 -0.10
N ILE B 435 5.50 -7.70 0.53
CA ILE B 435 4.24 -7.21 0.00
C ILE B 435 4.27 -5.70 -0.17
N ALA B 436 4.96 -5.02 0.74
CA ALA B 436 5.02 -3.57 0.73
C ALA B 436 5.89 -3.05 -0.40
N VAL B 437 7.01 -3.73 -0.64
CA VAL B 437 7.84 -3.36 -1.75
C VAL B 437 7.08 -3.59 -3.04
N PHE B 438 6.44 -4.74 -3.16
CA PHE B 438 5.77 -5.08 -4.42
C PHE B 438 4.57 -4.19 -4.71
N ASP B 439 3.96 -3.65 -3.66
CA ASP B 439 2.91 -2.66 -3.85
C ASP B 439 3.49 -1.44 -4.54
N VAL B 440 4.72 -1.05 -4.18
CA VAL B 440 5.36 0.08 -4.82
C VAL B 440 5.78 -0.27 -6.22
N LEU B 441 6.20 -1.51 -6.44
CA LEU B 441 6.54 -1.95 -7.78
C LEU B 441 5.31 -1.95 -8.70
N ARG B 442 4.19 -2.47 -8.21
CA ARG B 442 2.94 -2.42 -8.96
C ARG B 442 2.60 -0.98 -9.33
N ALA B 443 2.83 -0.06 -8.41
CA ALA B 443 2.56 1.38 -8.64
C ALA B 443 3.44 1.97 -9.74
N ILE B 444 4.72 1.64 -9.72
CA ILE B 444 5.67 2.14 -10.68
C ILE B 444 5.29 1.66 -12.07
N ASN B 445 4.90 0.40 -12.18
CA ASN B 445 4.46 -0.15 -13.45
C ASN B 445 3.24 0.57 -14.04
N ALA B 446 2.27 0.82 -13.18
CA ALA B 446 1.07 1.57 -13.56
C ALA B 446 1.46 2.95 -14.07
N TYR B 447 2.29 3.63 -13.27
CA TYR B 447 2.82 4.94 -13.64
C TYR B 447 3.47 4.90 -15.02
N VAL B 448 4.35 3.94 -15.22
CA VAL B 448 5.02 3.79 -16.50
C VAL B 448 3.99 3.55 -17.61
N THR B 449 3.02 2.68 -17.36
CA THR B 449 1.98 2.43 -18.34
C THR B 449 1.23 3.72 -18.67
N ASP B 450 0.93 4.51 -17.65
CA ASP B 450 0.24 5.79 -17.85
C ASP B 450 1.09 6.78 -18.64
N MET B 451 2.37 6.85 -18.33
CA MET B 451 3.25 7.86 -18.94
C MET B 451 3.71 7.44 -20.34
N ALA B 452 3.83 6.13 -20.56
CA ALA B 452 4.15 5.57 -21.88
C ALA B 452 5.43 6.17 -22.46
N PRO B 453 6.56 5.98 -21.75
CA PRO B 453 7.82 6.64 -22.14
C PRO B 453 8.31 6.26 -23.54
N TRP B 454 7.96 5.06 -23.99
CA TRP B 454 8.24 4.64 -25.36
C TRP B 454 7.71 5.64 -26.38
N LYS B 455 6.52 6.19 -26.16
CA LYS B 455 6.00 7.27 -27.02
C LYS B 455 6.76 8.58 -26.82
N LEU B 456 7.10 8.88 -25.56
CA LEU B 456 7.73 10.14 -25.20
C LEU B 456 9.10 10.39 -25.86
N VAL B 457 9.81 9.34 -26.24
CA VAL B 457 11.14 9.52 -26.88
C VAL B 457 10.99 10.41 -28.12
N LYS B 458 9.93 10.17 -28.89
CA LYS B 458 9.62 10.99 -30.08
C LYS B 458 8.92 12.31 -29.72
N THR B 459 7.94 12.27 -28.82
CA THR B 459 7.08 13.44 -28.56
C THR B 459 7.67 14.51 -27.65
N ASP B 460 8.16 14.10 -26.49
CA ASP B 460 8.49 15.04 -25.41
C ASP B 460 9.71 14.57 -24.63
N PRO B 461 10.90 14.80 -25.17
CA PRO B 461 12.14 14.35 -24.52
C PRO B 461 12.33 14.91 -23.11
N GLU B 462 11.91 16.15 -22.89
CA GLU B 462 12.04 16.77 -21.58
C GLU B 462 11.21 16.00 -20.56
N ARG B 463 9.99 15.63 -20.94
CA ARG B 463 9.12 14.86 -20.09
C ARG B 463 9.70 13.48 -19.77
N LEU B 464 10.29 12.85 -20.77
CA LEU B 464 10.88 11.52 -20.59
C LEU B 464 11.95 11.54 -19.52
N ARG B 465 12.82 12.55 -19.55
CA ARG B 465 13.86 12.69 -18.54
C ARG B 465 13.27 12.50 -17.14
N THR B 466 12.17 13.20 -16.87
CA THR B 466 11.52 13.15 -15.58
C THR B 466 10.96 11.76 -15.26
N VAL B 467 10.29 11.15 -16.24
CA VAL B 467 9.64 9.85 -16.06
C VAL B 467 10.67 8.77 -15.81
N LEU B 468 11.69 8.77 -16.65
CA LEU B 468 12.72 7.76 -16.59
C LEU B 468 13.42 7.79 -15.26
N TYR B 469 13.79 8.99 -14.79
CA TYR B 469 14.51 9.15 -13.53
C TYR B 469 13.75 8.59 -12.35
N ILE B 470 12.48 8.94 -12.25
CA ILE B 470 11.61 8.43 -11.19
C ILE B 470 11.53 6.90 -11.26
N THR B 471 11.36 6.38 -12.46
CA THR B 471 11.26 4.94 -12.66
C THR B 471 12.54 4.24 -12.18
N LEU B 472 13.69 4.76 -12.60
CA LEU B 472 14.98 4.20 -12.17
C LEU B 472 15.15 4.26 -10.65
N GLU B 473 14.82 5.39 -10.06
CA GLU B 473 14.97 5.54 -8.62
C GLU B 473 14.01 4.63 -7.88
N GLY B 474 12.79 4.48 -8.40
CA GLY B 474 11.83 3.52 -7.86
C GLY B 474 12.39 2.10 -7.90
N VAL B 475 12.95 1.72 -9.03
CA VAL B 475 13.52 0.39 -9.19
C VAL B 475 14.68 0.18 -8.21
N ARG B 476 15.53 1.19 -8.05
CA ARG B 476 16.69 1.08 -7.19
C ARG B 476 16.29 0.85 -5.73
N VAL B 477 15.39 1.71 -5.23
CA VAL B 477 15.00 1.68 -3.83
C VAL B 477 14.25 0.40 -3.52
N THR B 478 13.33 0.00 -4.39
CA THR B 478 12.65 -1.30 -4.22
C THR B 478 13.64 -2.47 -4.19
N THR B 479 14.59 -2.43 -5.13
CA THR B 479 15.61 -3.46 -5.25
C THR B 479 16.50 -3.50 -4.02
N LEU B 480 16.91 -2.33 -3.52
CA LEU B 480 17.72 -2.23 -2.31
C LEU B 480 17.01 -2.95 -1.16
N LEU B 481 15.74 -2.63 -0.97
CA LEU B 481 14.97 -3.22 0.13
C LEU B 481 14.62 -4.70 -0.11
N LEU B 482 14.69 -5.15 -1.37
CA LEU B 482 14.53 -6.56 -1.70
C LEU B 482 15.82 -7.33 -1.74
N SER B 483 16.96 -6.64 -1.56
CA SER B 483 18.25 -7.31 -1.72
C SER B 483 18.48 -8.44 -0.72
N PRO B 484 17.88 -8.38 0.48
CA PRO B 484 18.00 -9.53 1.39
C PRO B 484 17.22 -10.77 0.95
N ILE B 485 16.14 -10.56 0.20
CA ILE B 485 15.30 -11.64 -0.31
C ILE B 485 15.89 -12.21 -1.62
N LEU B 486 16.43 -11.33 -2.45
CA LEU B 486 16.97 -11.71 -3.75
C LEU B 486 18.43 -11.23 -3.82
N PRO B 487 19.32 -11.89 -3.06
CA PRO B 487 20.70 -11.39 -2.92
C PRO B 487 21.56 -11.41 -4.19
N ARG B 488 21.36 -12.38 -5.07
CA ARG B 488 22.10 -12.45 -6.33
C ARG B 488 21.45 -11.61 -7.42
N LYS B 489 20.13 -11.61 -7.46
CA LYS B 489 19.40 -10.88 -8.48
C LYS B 489 19.44 -9.38 -8.24
N SER B 490 19.47 -8.96 -6.98
CA SER B 490 19.63 -7.55 -6.64
C SER B 490 20.92 -7.00 -7.26
N VAL B 491 21.98 -7.80 -7.19
CA VAL B 491 23.29 -7.37 -7.69
C VAL B 491 23.21 -7.20 -9.18
N VAL B 492 22.65 -8.19 -9.87
CA VAL B 492 22.46 -8.12 -11.31
C VAL B 492 21.65 -6.88 -11.69
N ILE B 493 20.60 -6.62 -10.92
CA ILE B 493 19.75 -5.47 -11.19
C ILE B 493 20.56 -4.19 -11.03
N PHE B 494 21.30 -4.08 -9.92
CA PHE B 494 22.13 -2.91 -9.71
C PHE B 494 23.16 -2.75 -10.81
N ASP B 495 23.77 -3.85 -11.25
CA ASP B 495 24.73 -3.80 -12.35
C ASP B 495 24.13 -3.20 -13.63
N MET B 496 22.87 -3.55 -13.91
CA MET B 496 22.18 -3.01 -15.07
C MET B 496 21.98 -1.51 -14.89
N LEU B 497 21.46 -1.11 -13.75
CA LEU B 497 21.23 0.29 -13.44
C LEU B 497 22.51 1.12 -13.33
N GLY B 498 23.66 0.44 -13.21
CA GLY B 498 24.93 1.12 -13.03
C GLY B 498 25.06 1.81 -11.68
N VAL B 499 24.38 1.28 -10.67
CA VAL B 499 24.46 1.85 -9.33
C VAL B 499 25.83 1.51 -8.75
N PRO B 500 26.63 2.53 -8.40
CA PRO B 500 27.92 2.26 -7.75
C PRO B 500 27.77 1.43 -6.47
N GLU B 501 28.81 0.65 -6.17
CA GLU B 501 28.82 -0.23 -5.00
C GLU B 501 28.45 0.49 -3.71
N VAL B 502 29.06 1.64 -3.47
CA VAL B 502 28.84 2.39 -2.24
C VAL B 502 27.37 2.71 -2.00
N HIS B 503 26.58 2.81 -3.08
CA HIS B 503 25.15 3.12 -2.96
C HIS B 503 24.26 1.89 -2.80
N ARG B 504 24.85 0.71 -2.67
CA ARG B 504 24.09 -0.55 -2.57
C ARG B 504 23.86 -1.01 -1.14
N LYS B 505 24.44 -0.30 -0.17
CA LYS B 505 24.31 -0.63 1.24
C LYS B 505 24.18 0.69 2.01
N GLY B 506 23.67 0.62 3.23
CA GLY B 506 23.66 1.77 4.12
C GLY B 506 22.37 2.56 4.08
N ILE B 507 21.88 2.92 5.26
CA ILE B 507 20.61 3.61 5.41
C ILE B 507 20.58 4.97 4.71
N GLU B 508 21.75 5.58 4.53
CA GLU B 508 21.85 6.82 3.78
C GLU B 508 21.36 6.69 2.34
N ASN B 509 21.39 5.48 1.78
CA ASN B 509 20.91 5.23 0.40
C ASN B 509 19.49 4.67 0.31
N PHE B 510 18.78 4.64 1.43
CA PHE B 510 17.33 4.42 1.43
C PHE B 510 16.64 5.68 0.92
N GLU B 511 17.32 6.82 1.03
CA GLU B 511 16.76 8.11 0.61
C GLU B 511 16.58 8.22 -0.90
N PHE B 512 15.48 8.85 -1.29
CA PHE B 512 15.23 9.15 -2.69
C PHE B 512 16.30 10.09 -3.24
N GLY B 513 16.84 9.74 -4.39
CA GLY B 513 17.79 10.60 -5.08
C GLY B 513 19.25 10.38 -4.73
N ALA B 514 19.56 9.26 -4.09
CA ALA B 514 20.93 9.00 -3.64
C ALA B 514 21.92 8.81 -4.80
N VAL B 515 21.41 8.36 -5.94
CA VAL B 515 22.22 8.18 -7.14
C VAL B 515 22.01 9.38 -8.04
N PRO B 516 23.11 10.10 -8.35
CA PRO B 516 23.00 11.33 -9.14
C PRO B 516 22.70 11.11 -10.62
N PRO B 517 22.02 12.08 -11.24
CA PRO B 517 21.89 12.06 -12.69
C PRO B 517 23.25 12.07 -13.40
N GLY B 518 23.31 11.47 -14.59
CA GLY B 518 24.56 11.31 -15.31
C GLY B 518 25.25 9.98 -15.02
N THR B 519 24.82 9.29 -13.97
CA THR B 519 25.32 7.96 -13.69
C THR B 519 24.99 7.05 -14.87
N ARG B 520 25.99 6.28 -15.32
CA ARG B 520 25.86 5.52 -16.54
C ARG B 520 25.36 4.12 -16.24
N LEU B 521 24.55 3.57 -17.14
CA LEU B 521 24.07 2.20 -17.00
C LEU B 521 25.19 1.21 -17.27
N GLY B 522 25.07 0.02 -16.70
CA GLY B 522 26.00 -1.05 -16.98
C GLY B 522 25.65 -1.65 -18.34
N PRO B 523 26.61 -2.29 -19.00
CA PRO B 523 26.38 -2.81 -20.34
C PRO B 523 25.26 -3.86 -20.40
N ALA B 524 24.84 -4.18 -21.61
CA ALA B 524 23.82 -5.20 -21.86
C ALA B 524 24.44 -6.45 -22.47
N VAL B 525 23.80 -7.60 -22.25
CA VAL B 525 24.16 -8.86 -22.93
C VAL B 525 23.10 -9.17 -23.98
N GLU B 526 23.51 -9.82 -25.08
CA GLU B 526 22.61 -10.06 -26.22
C GLU B 526 21.52 -11.09 -25.91
N GLY B 527 20.37 -10.59 -25.43
CA GLY B 527 19.19 -11.41 -25.20
C GLY B 527 18.95 -11.86 -23.76
N GLU B 528 19.67 -11.26 -22.81
CA GLU B 528 19.64 -11.71 -21.41
C GLU B 528 18.32 -11.30 -20.73
N VAL B 529 17.73 -12.22 -19.94
CA VAL B 529 16.54 -11.93 -19.14
C VAL B 529 16.84 -12.14 -17.67
N LEU B 530 16.14 -11.40 -16.83
CA LEU B 530 16.39 -11.41 -15.39
C LEU B 530 15.77 -12.64 -14.72
N PHE B 531 14.46 -12.80 -14.88
CA PHE B 531 13.75 -14.01 -14.46
C PHE B 531 12.99 -14.56 -15.66
N SER B 532 13.38 -15.73 -16.12
CA SER B 532 12.69 -16.37 -17.24
C SER B 532 11.39 -17.03 -16.76
N LYS B 533 10.32 -16.85 -17.54
CA LYS B 533 9.01 -17.43 -17.21
C LYS B 533 9.00 -18.92 -17.58
N ARG B 534 7.99 -19.65 -17.12
CA ARG B 534 7.91 -21.09 -17.38
C ARG B 534 6.50 -21.56 -17.72
N SER B 535 6.42 -22.72 -18.40
CA SER B 535 5.18 -23.22 -19.03
C SER B 535 3.89 -23.18 -18.18
N THR B 536 2.76 -23.03 -18.88
CA THR B 536 1.43 -22.87 -18.28
C THR B 536 0.38 -23.71 -19.03
#